data_9JVV
#
_entry.id   9JVV
#
_cell.length_a   1.00
_cell.length_b   1.00
_cell.length_c   1.00
_cell.angle_alpha   90.00
_cell.angle_beta   90.00
_cell.angle_gamma   90.00
#
_symmetry.space_group_name_H-M   'P 1'
#
loop_
_entity.id
_entity.type
_entity.pdbx_description
1 polymer 'Excitatory amino acid transporter 2'
2 non-polymer CHOLESTEROL
#
_entity_poly.entity_id   1
_entity_poly.type   'polypeptide(L)'
_entity_poly.pdbx_seq_one_letter_code
;MASTEGANNMPKQVEVRMHDSHLGSEEPKHRHLGLRLCDKLGKNLLLTLTVFGVILGAVCGGLLRLASPIHPDVVMLIAF
PGDILMRMLKMLILPLIISSLITGLSGLDAKASGRLGTRAMVYYMSTTIIAAVLGVILVLAIHPGNPKLKKQLGPGKKND
EVSSLDAFLDLIRNLFPENLVQACFQQIQTVTKKVLVAPPPDEEANATSAVVSLLNETVTEVPEETKMVIKKGLEFKDGM
NVLGLIGFFIAFGIAMGKMGDQAKLMVDFFNILNEIVMKLVIMIMWYSPLGIACLICGKIIAIKDLEVVARQLGMYMVTV
IIGLIIHGGIFLPLIYFVVTRKNPFSFFAGIFQAWITALGTASSAGTLPVTFRCLEENLGIDKRVTRFVLPVGATINMDG
TALYEAVAAIFIAQMNGVVLDGGQIVTVSLTATLASVGAASIPSAGLVTMLLILTAVGLPTEDISLLVAVDWLLDRMRTS
VNVVGDSFGAGIVYHLSKSELDTIDSQHRVHEDIEMTKTQSIYDDMKNHRESNSNQCVYAAHNSVIVDECKVTLAANGKS
ADCSVEEEPWKREK
;
_entity_poly.pdbx_strand_id   A,B,C
#
loop_
_chem_comp.id
_chem_comp.type
_chem_comp.name
_chem_comp.formula
CLR non-polymer CHOLESTEROL 'C27 H46 O'
#
# COMPACT_ATOMS: atom_id res chain seq x y z
N LYS A 40 39.38 -9.21 -22.13
CA LYS A 40 38.54 -9.27 -20.94
C LYS A 40 37.80 -7.95 -20.73
N LEU A 41 37.96 -7.03 -21.68
CA LEU A 41 37.30 -5.73 -21.63
C LEU A 41 35.97 -5.73 -22.37
N GLY A 42 35.56 -6.85 -22.94
CA GLY A 42 34.29 -6.94 -23.61
C GLY A 42 33.35 -7.91 -22.93
N LYS A 43 33.90 -8.93 -22.29
CA LYS A 43 33.12 -9.90 -21.54
C LYS A 43 33.01 -9.46 -20.09
N ASN A 44 31.79 -9.52 -19.56
CA ASN A 44 31.49 -9.08 -18.20
C ASN A 44 31.90 -7.62 -18.01
N LEU A 45 31.27 -6.75 -18.78
CA LEU A 45 31.59 -5.32 -18.73
C LEU A 45 30.77 -4.62 -17.64
N LEU A 46 30.83 -5.20 -16.45
CA LEU A 46 30.28 -4.61 -15.24
C LEU A 46 31.28 -4.61 -14.10
N LEU A 47 32.07 -5.68 -13.96
CA LEU A 47 33.11 -5.69 -12.94
C LEU A 47 34.28 -4.81 -13.34
N THR A 48 34.66 -4.85 -14.62
CA THR A 48 35.71 -3.96 -15.10
C THR A 48 35.29 -2.50 -14.99
N LEU A 49 34.04 -2.20 -15.34
CA LEU A 49 33.57 -0.82 -15.20
C LEU A 49 33.57 -0.38 -13.74
N THR A 50 33.14 -1.25 -12.83
CA THR A 50 33.13 -0.87 -11.42
C THR A 50 34.54 -0.68 -10.87
N VAL A 51 35.49 -1.55 -11.24
CA VAL A 51 36.85 -1.34 -10.74
C VAL A 51 37.49 -0.11 -11.36
N PHE A 52 37.22 0.18 -12.63
CA PHE A 52 37.70 1.44 -13.20
C PHE A 52 37.09 2.63 -12.50
N GLY A 53 35.79 2.57 -12.17
CA GLY A 53 35.18 3.66 -11.42
C GLY A 53 35.80 3.83 -10.05
N VAL A 54 36.08 2.71 -9.37
CA VAL A 54 36.71 2.78 -8.04
C VAL A 54 38.10 3.41 -8.15
N ILE A 55 38.89 2.99 -9.13
CA ILE A 55 40.23 3.55 -9.30
C ILE A 55 40.16 5.03 -9.64
N LEU A 56 39.26 5.41 -10.54
CA LEU A 56 39.11 6.81 -10.92
C LEU A 56 38.68 7.67 -9.74
N GLY A 57 37.72 7.17 -8.96
CA GLY A 57 37.29 7.92 -7.78
C GLY A 57 38.39 8.06 -6.75
N ALA A 58 39.17 6.99 -6.54
CA ALA A 58 40.29 7.08 -5.60
C ALA A 58 41.33 8.09 -6.08
N VAL A 59 41.65 8.08 -7.37
CA VAL A 59 42.62 9.04 -7.89
C VAL A 59 42.11 10.46 -7.77
N CYS A 60 40.84 10.69 -8.11
CA CYS A 60 40.27 12.03 -7.99
C CYS A 60 40.23 12.51 -6.55
N GLY A 61 39.86 11.63 -5.60
CA GLY A 61 39.87 12.01 -4.21
C GLY A 61 41.25 12.30 -3.68
N GLY A 62 42.24 11.51 -4.09
CA GLY A 62 43.61 11.79 -3.66
C GLY A 62 44.15 13.08 -4.24
N LEU A 63 43.87 13.36 -5.50
CA LEU A 63 44.37 14.56 -6.15
C LEU A 63 43.61 15.81 -5.74
N LEU A 64 42.36 15.69 -5.30
CA LEU A 64 41.56 16.85 -4.96
C LEU A 64 41.62 17.22 -3.49
N ARG A 65 41.89 16.27 -2.60
CA ARG A 65 42.17 16.60 -1.21
C ARG A 65 43.55 17.21 -1.03
N LEU A 66 44.41 17.10 -2.04
CA LEU A 66 45.74 17.71 -1.99
C LEU A 66 45.70 19.20 -2.22
N ALA A 67 44.65 19.72 -2.85
CA ALA A 67 44.60 21.13 -3.24
C ALA A 67 44.38 22.04 -2.03
N SER A 68 43.24 21.88 -1.36
CA SER A 68 42.86 22.78 -0.28
C SER A 68 41.75 22.12 0.51
N PRO A 69 41.45 22.61 1.73
CA PRO A 69 40.25 22.14 2.43
C PRO A 69 39.00 22.41 1.62
N ILE A 70 38.32 21.34 1.20
CA ILE A 70 37.23 21.45 0.24
C ILE A 70 35.95 21.84 0.97
N HIS A 71 35.19 22.74 0.35
CA HIS A 71 33.96 23.24 0.95
C HIS A 71 32.94 22.10 1.09
N PRO A 72 32.20 22.05 2.20
CA PRO A 72 31.20 20.97 2.36
C PRO A 72 30.13 20.95 1.30
N ASP A 73 29.70 22.13 0.81
CA ASP A 73 28.63 22.15 -0.18
C ASP A 73 29.05 21.48 -1.48
N VAL A 74 30.27 21.77 -1.96
CA VAL A 74 30.74 21.13 -3.18
C VAL A 74 31.07 19.65 -2.93
N VAL A 75 31.42 19.27 -1.70
CA VAL A 75 31.57 17.85 -1.39
C VAL A 75 30.23 17.14 -1.53
N MET A 76 29.16 17.74 -1.00
CA MET A 76 27.83 17.16 -1.15
C MET A 76 27.42 17.11 -2.62
N LEU A 77 27.74 18.16 -3.38
CA LEU A 77 27.44 18.15 -4.81
C LEU A 77 28.19 17.04 -5.53
N ILE A 78 29.45 16.80 -5.16
CA ILE A 78 30.24 15.72 -5.77
C ILE A 78 29.63 14.36 -5.44
N ALA A 79 29.24 14.16 -4.19
CA ALA A 79 28.73 12.87 -3.74
C ALA A 79 27.26 12.65 -4.07
N PHE A 80 26.58 13.67 -4.60
CA PHE A 80 25.16 13.52 -4.92
C PHE A 80 24.81 12.36 -5.84
N PRO A 81 25.55 12.07 -6.92
CA PRO A 81 25.19 10.91 -7.74
C PRO A 81 25.18 9.59 -6.98
N GLY A 82 26.09 9.38 -6.04
CA GLY A 82 26.04 8.18 -5.23
C GLY A 82 24.82 8.13 -4.34
N ASP A 83 24.43 9.27 -3.76
CA ASP A 83 23.20 9.32 -2.99
C ASP A 83 21.99 8.98 -3.86
N ILE A 84 21.97 9.48 -5.10
CA ILE A 84 20.89 9.14 -6.02
C ILE A 84 20.87 7.65 -6.30
N LEU A 85 22.05 7.06 -6.51
CA LEU A 85 22.12 5.62 -6.76
C LEU A 85 21.56 4.82 -5.59
N MET A 86 21.93 5.19 -4.36
CA MET A 86 21.46 4.41 -3.22
C MET A 86 20.00 4.67 -2.92
N ARG A 87 19.49 5.87 -3.23
CA ARG A 87 18.05 6.09 -3.15
C ARG A 87 17.31 5.21 -4.14
N MET A 88 17.82 5.10 -5.37
CA MET A 88 17.20 4.23 -6.36
C MET A 88 17.25 2.77 -5.93
N LEU A 89 18.35 2.33 -5.35
CA LEU A 89 18.45 0.95 -4.89
C LEU A 89 17.53 0.66 -3.70
N LYS A 90 17.42 1.61 -2.76
CA LYS A 90 16.53 1.42 -1.62
C LYS A 90 15.06 1.52 -2.01
N MET A 91 14.75 2.19 -3.12
CA MET A 91 13.37 2.26 -3.58
C MET A 91 12.80 0.89 -3.95
N LEU A 92 13.66 -0.09 -4.22
CA LEU A 92 13.23 -1.38 -4.74
C LEU A 92 13.26 -2.50 -3.69
N ILE A 93 13.70 -2.24 -2.47
CA ILE A 93 13.82 -3.31 -1.49
C ILE A 93 12.47 -3.92 -1.11
N LEU A 94 11.46 -3.11 -0.84
CA LEU A 94 10.16 -3.62 -0.42
C LEU A 94 9.48 -4.45 -1.51
N PRO A 95 9.33 -3.93 -2.74
CA PRO A 95 8.76 -4.78 -3.80
C PRO A 95 9.59 -6.02 -4.09
N LEU A 96 10.92 -5.93 -4.01
CA LEU A 96 11.75 -7.10 -4.21
C LEU A 96 11.47 -8.17 -3.17
N ILE A 97 11.38 -7.78 -1.90
CA ILE A 97 11.10 -8.74 -0.84
C ILE A 97 9.72 -9.37 -1.03
N ILE A 98 8.71 -8.52 -1.29
CA ILE A 98 7.35 -9.03 -1.41
C ILE A 98 7.23 -9.99 -2.59
N SER A 99 7.84 -9.66 -3.73
CA SER A 99 7.78 -10.54 -4.88
C SER A 99 8.57 -11.83 -4.64
N SER A 100 9.78 -11.70 -4.09
CA SER A 100 10.67 -12.86 -4.01
C SER A 100 10.16 -13.88 -2.99
N LEU A 101 9.70 -13.43 -1.82
CA LEU A 101 9.21 -14.38 -0.83
C LEU A 101 8.00 -15.15 -1.37
N ILE A 102 7.06 -14.45 -1.98
CA ILE A 102 5.85 -15.08 -2.51
C ILE A 102 6.19 -16.03 -3.65
N THR A 103 7.09 -15.62 -4.55
CA THR A 103 7.44 -16.48 -5.66
C THR A 103 8.20 -17.72 -5.22
N GLY A 104 9.21 -17.55 -4.36
CA GLY A 104 10.01 -18.67 -3.89
C GLY A 104 9.25 -19.66 -3.03
N LEU A 105 8.45 -19.15 -2.09
CA LEU A 105 7.72 -20.05 -1.20
C LEU A 105 6.56 -20.76 -1.89
N SER A 106 6.19 -20.36 -3.10
CA SER A 106 5.19 -21.06 -3.89
C SER A 106 5.79 -22.16 -4.75
N GLY A 107 7.12 -22.28 -4.78
CA GLY A 107 7.77 -23.29 -5.58
C GLY A 107 8.27 -24.47 -4.77
N LEU A 108 7.80 -24.58 -3.53
CA LEU A 108 8.14 -25.70 -2.66
C LEU A 108 7.26 -26.89 -3.01
N ASP A 109 7.88 -28.01 -3.37
CA ASP A 109 7.18 -29.22 -3.78
C ASP A 109 7.53 -30.36 -2.83
N ALA A 110 6.51 -31.12 -2.45
CA ALA A 110 6.72 -32.29 -1.61
C ALA A 110 7.27 -33.48 -2.39
N LYS A 111 7.31 -33.39 -3.72
CA LYS A 111 7.82 -34.45 -4.58
C LYS A 111 9.29 -34.24 -4.95
N ALA A 112 10.02 -33.43 -4.19
CA ALA A 112 11.43 -33.16 -4.46
C ALA A 112 12.27 -34.36 -4.00
N SER A 113 12.16 -35.44 -4.79
CA SER A 113 12.88 -36.68 -4.52
C SER A 113 12.59 -37.22 -3.12
N GLY A 114 11.36 -37.04 -2.65
CA GLY A 114 11.01 -37.50 -1.31
C GLY A 114 11.72 -36.70 -0.26
N ARG A 115 12.29 -37.40 0.73
CA ARG A 115 13.00 -36.72 1.80
C ARG A 115 14.31 -36.10 1.33
N LEU A 116 14.84 -36.55 0.18
CA LEU A 116 16.12 -36.05 -0.31
C LEU A 116 16.14 -34.53 -0.38
N GLY A 117 15.00 -33.92 -0.68
CA GLY A 117 14.88 -32.48 -0.64
C GLY A 117 14.99 -31.93 0.77
N THR A 118 14.06 -32.34 1.64
CA THR A 118 13.92 -31.66 2.93
C THR A 118 15.19 -31.78 3.77
N ARG A 119 15.80 -32.96 3.81
CA ARG A 119 17.08 -33.11 4.50
C ARG A 119 18.08 -32.07 4.01
N ALA A 120 18.24 -31.96 2.69
CA ALA A 120 19.14 -30.96 2.14
C ALA A 120 18.77 -29.57 2.63
N MET A 121 17.47 -29.25 2.62
CA MET A 121 17.05 -27.95 3.12
C MET A 121 17.44 -27.77 4.57
N VAL A 122 17.24 -28.81 5.39
CA VAL A 122 17.62 -28.73 6.80
C VAL A 122 19.12 -28.48 6.90
N TYR A 123 19.91 -29.03 5.98
CA TYR A 123 21.33 -28.70 5.95
C TYR A 123 21.54 -27.27 5.47
N TYR A 124 20.86 -26.87 4.40
CA TYR A 124 21.16 -25.60 3.74
C TYR A 124 20.94 -24.43 4.67
N MET A 125 19.85 -24.42 5.42
CA MET A 125 19.56 -23.34 6.35
C MET A 125 20.29 -23.51 7.69
N SER A 126 20.92 -24.65 7.94
CA SER A 126 21.61 -24.82 9.21
C SER A 126 22.98 -24.18 9.16
N THR A 127 23.87 -24.73 8.32
CA THR A 127 25.25 -24.25 8.27
C THR A 127 25.32 -22.77 7.98
N THR A 128 24.52 -22.29 7.02
CA THR A 128 24.48 -20.87 6.71
C THR A 128 24.24 -20.05 7.97
N ILE A 129 23.20 -20.41 8.74
CA ILE A 129 22.93 -19.67 9.97
C ILE A 129 24.17 -19.67 10.86
N ILE A 130 24.77 -20.85 11.06
CA ILE A 130 25.96 -20.94 11.88
C ILE A 130 27.01 -19.96 11.37
N ALA A 131 27.25 -19.98 10.05
CA ALA A 131 28.24 -19.07 9.48
C ALA A 131 27.94 -17.64 9.89
N ALA A 132 26.70 -17.19 9.68
CA ALA A 132 26.34 -15.83 10.05
C ALA A 132 26.68 -15.57 11.51
N VAL A 133 26.22 -16.47 12.40
CA VAL A 133 26.49 -16.28 13.82
C VAL A 133 27.98 -16.21 14.06
N LEU A 134 28.75 -17.13 13.47
CA LEU A 134 30.19 -17.11 13.65
C LEU A 134 30.76 -15.76 13.23
N GLY A 135 30.33 -15.25 12.06
CA GLY A 135 30.81 -13.97 11.62
C GLY A 135 30.57 -12.91 12.66
N VAL A 136 29.35 -12.86 13.21
CA VAL A 136 29.04 -11.88 14.24
C VAL A 136 30.04 -11.97 15.38
N ILE A 137 30.28 -13.19 15.88
CA ILE A 137 31.19 -13.36 16.99
C ILE A 137 32.53 -12.73 16.64
N LEU A 138 33.05 -13.03 15.46
CA LEU A 138 34.37 -12.54 15.11
C LEU A 138 34.39 -11.03 14.99
N VAL A 139 33.34 -10.43 14.42
CA VAL A 139 33.36 -8.97 14.29
C VAL A 139 33.15 -8.30 15.63
N LEU A 140 32.68 -9.05 16.64
CA LEU A 140 32.60 -8.54 18.00
C LEU A 140 33.84 -8.88 18.82
N ALA A 141 34.76 -9.66 18.26
CA ALA A 141 36.00 -10.01 18.95
C ALA A 141 37.21 -9.29 18.38
N ILE A 142 37.37 -9.31 17.05
CA ILE A 142 38.46 -8.55 16.43
C ILE A 142 38.23 -7.06 16.57
N HIS A 143 36.98 -6.62 16.47
CA HIS A 143 36.56 -5.23 16.57
C HIS A 143 37.31 -4.36 15.56
N PRO A 144 37.09 -4.55 14.26
CA PRO A 144 37.71 -3.67 13.28
C PRO A 144 36.96 -2.35 13.18
N GLY A 145 37.71 -1.27 13.03
CA GLY A 145 37.10 0.03 13.02
C GLY A 145 36.81 0.57 14.41
N ASN A 146 37.86 0.72 15.21
CA ASN A 146 37.73 1.25 16.56
C ASN A 146 37.23 2.68 16.56
N VAL A 162 18.82 1.72 26.97
CA VAL A 162 17.77 0.70 27.02
C VAL A 162 18.35 -0.60 27.55
N SER A 163 17.51 -1.41 28.20
CA SER A 163 17.94 -2.67 28.75
C SER A 163 17.99 -3.74 27.66
N SER A 164 18.61 -4.88 27.99
CA SER A 164 18.62 -6.01 27.06
C SER A 164 17.25 -6.66 26.96
N LEU A 165 16.55 -6.79 28.09
CA LEU A 165 15.20 -7.35 28.07
C LEU A 165 14.27 -6.51 27.21
N ASP A 166 14.35 -5.18 27.34
CA ASP A 166 13.52 -4.32 26.51
C ASP A 166 13.89 -4.42 25.04
N ALA A 167 15.17 -4.59 24.72
CA ALA A 167 15.57 -4.76 23.33
C ALA A 167 15.00 -6.05 22.74
N PHE A 168 15.06 -7.14 23.50
CA PHE A 168 14.50 -8.40 23.02
C PHE A 168 12.98 -8.32 22.91
N LEU A 169 12.32 -7.66 23.84
CA LEU A 169 10.88 -7.47 23.74
C LEU A 169 10.51 -6.63 22.52
N ASP A 170 11.28 -5.58 22.23
CA ASP A 170 11.04 -4.80 21.02
C ASP A 170 11.26 -5.62 19.77
N LEU A 171 12.28 -6.48 19.76
CA LEU A 171 12.47 -7.37 18.62
C LEU A 171 11.26 -8.27 18.43
N ILE A 172 10.78 -8.91 19.50
CA ILE A 172 9.63 -9.81 19.39
C ILE A 172 8.39 -9.03 18.96
N ARG A 173 8.21 -7.81 19.44
CA ARG A 173 7.10 -6.99 18.99
C ARG A 173 7.21 -6.67 17.51
N ASN A 174 8.42 -6.39 17.02
CA ASN A 174 8.61 -6.06 15.62
C ASN A 174 8.42 -7.26 14.69
N LEU A 175 8.65 -8.48 15.18
CA LEU A 175 8.30 -9.64 14.37
C LEU A 175 6.80 -9.75 14.12
N PHE A 176 5.98 -9.10 14.95
CA PHE A 176 4.52 -9.14 14.82
C PHE A 176 3.99 -7.71 14.80
N PRO A 177 4.06 -7.02 13.67
CA PRO A 177 3.54 -5.66 13.59
C PRO A 177 2.02 -5.61 13.67
N GLU A 178 1.52 -4.47 14.14
CA GLU A 178 0.09 -4.25 14.23
C GLU A 178 -0.52 -3.67 12.96
N ASN A 179 0.27 -2.96 12.16
CA ASN A 179 -0.21 -2.38 10.91
C ASN A 179 0.76 -2.76 9.80
N LEU A 180 0.22 -3.27 8.69
CA LEU A 180 1.07 -3.68 7.57
C LEU A 180 1.56 -2.49 6.76
N VAL A 181 0.73 -1.47 6.58
CA VAL A 181 1.18 -0.28 5.86
C VAL A 181 2.19 0.49 6.70
N GLN A 182 1.96 0.58 8.01
CA GLN A 182 2.92 1.26 8.88
C GLN A 182 4.22 0.48 9.05
N ALA A 183 4.18 -0.84 8.84
CA ALA A 183 5.41 -1.63 8.91
C ALA A 183 6.36 -1.33 7.77
N CYS A 184 5.86 -0.74 6.69
CA CYS A 184 6.71 -0.45 5.54
C CYS A 184 7.63 0.73 5.77
N PHE A 185 7.32 1.62 6.71
CA PHE A 185 8.12 2.81 6.93
C PHE A 185 8.32 3.19 8.39
N GLN A 186 7.97 2.34 9.35
CA GLN A 186 8.10 2.68 10.76
C GLN A 186 8.35 1.43 11.58
N GLN A 187 8.85 1.64 12.79
CA GLN A 187 9.18 0.57 13.72
C GLN A 187 8.77 1.03 15.11
N ILE A 188 8.86 0.13 16.08
CA ILE A 188 8.45 0.45 17.45
C ILE A 188 9.65 0.32 18.38
N GLN A 189 9.61 1.07 19.48
CA GLN A 189 10.68 1.01 20.48
C GLN A 189 10.12 1.45 21.82
N THR A 190 10.81 1.05 22.89
CA THR A 190 10.41 1.40 24.25
C THR A 190 11.26 2.58 24.72
N VAL A 191 10.65 3.75 24.79
CA VAL A 191 11.27 4.92 25.40
C VAL A 191 11.06 4.84 26.90
N THR A 192 11.75 5.69 27.65
CA THR A 192 11.63 5.70 29.11
C THR A 192 11.47 7.13 29.59
N LYS A 193 10.86 7.27 30.77
CA LYS A 193 10.60 8.58 31.36
C LYS A 193 11.90 9.27 31.75
N LYS A 231 4.51 3.63 32.61
CA LYS A 231 5.70 4.44 32.84
C LYS A 231 6.62 4.42 31.63
N LYS A 232 6.97 3.21 31.17
CA LYS A 232 7.86 3.05 30.03
C LYS A 232 7.27 3.65 28.76
N GLY A 233 6.17 3.08 28.28
CA GLY A 233 5.55 3.54 27.06
C GLY A 233 6.22 2.99 25.81
N LEU A 234 5.46 3.01 24.72
CA LEU A 234 5.93 2.53 23.42
C LEU A 234 5.78 3.66 22.41
N GLU A 235 6.84 3.92 21.65
CA GLU A 235 6.84 5.01 20.68
C GLU A 235 7.32 4.50 19.32
N PHE A 236 6.76 5.08 18.27
CA PHE A 236 7.10 4.68 16.91
C PHE A 236 8.28 5.49 16.41
N LYS A 237 9.33 4.79 16.00
CA LYS A 237 10.51 5.38 15.39
C LYS A 237 10.47 5.18 13.88
N ASP A 238 11.31 5.93 13.17
CA ASP A 238 11.38 5.85 11.73
C ASP A 238 12.31 4.71 11.32
N GLY A 239 12.02 4.11 10.17
CA GLY A 239 12.79 2.98 9.69
C GLY A 239 11.91 1.81 9.30
N MET A 240 12.16 1.23 8.13
CA MET A 240 11.31 0.16 7.62
C MET A 240 11.43 -1.07 8.49
N ASN A 241 10.30 -1.72 8.78
CA ASN A 241 10.27 -2.93 9.59
C ASN A 241 10.47 -4.12 8.68
N VAL A 242 11.73 -4.52 8.47
CA VAL A 242 12.04 -5.60 7.55
C VAL A 242 11.59 -6.95 8.10
N LEU A 243 11.85 -7.21 9.38
CA LEU A 243 11.54 -8.52 9.94
C LEU A 243 10.04 -8.79 9.99
N GLY A 244 9.24 -7.80 10.36
CA GLY A 244 7.80 -8.00 10.41
C GLY A 244 7.21 -8.28 9.04
N LEU A 245 7.62 -7.51 8.03
CA LEU A 245 7.16 -7.75 6.67
C LEU A 245 7.60 -9.12 6.18
N ILE A 246 8.85 -9.50 6.47
CA ILE A 246 9.36 -10.78 6.02
C ILE A 246 8.57 -11.92 6.66
N GLY A 247 8.29 -11.82 7.96
CA GLY A 247 7.50 -12.86 8.62
C GLY A 247 6.09 -12.95 8.10
N PHE A 248 5.43 -11.80 7.93
CA PHE A 248 4.06 -11.82 7.42
C PHE A 248 4.00 -12.42 6.03
N PHE A 249 4.94 -12.05 5.15
CA PHE A 249 4.89 -12.58 3.80
C PHE A 249 5.39 -14.01 3.70
N ILE A 250 6.21 -14.47 4.64
CA ILE A 250 6.52 -15.89 4.74
C ILE A 250 5.26 -16.68 5.07
N ALA A 251 4.49 -16.18 6.04
CA ALA A 251 3.21 -16.83 6.36
C ALA A 251 2.27 -16.77 5.18
N PHE A 252 2.23 -15.63 4.48
CA PHE A 252 1.37 -15.48 3.31
C PHE A 252 1.72 -16.49 2.23
N GLY A 253 3.01 -16.62 1.90
CA GLY A 253 3.43 -17.57 0.89
C GLY A 253 3.18 -19.01 1.30
N ILE A 254 3.40 -19.34 2.57
CA ILE A 254 3.13 -20.69 3.04
C ILE A 254 1.64 -21.02 2.93
N ALA A 255 0.79 -20.09 3.36
CA ALA A 255 -0.65 -20.32 3.29
C ALA A 255 -1.16 -20.38 1.86
N MET A 256 -0.57 -19.58 0.96
CA MET A 256 -1.01 -19.59 -0.43
C MET A 256 -0.51 -20.81 -1.18
N GLY A 257 0.67 -21.34 -0.83
CA GLY A 257 1.15 -22.55 -1.45
C GLY A 257 0.32 -23.77 -1.12
N LYS A 258 -0.40 -23.74 0.00
CA LYS A 258 -1.28 -24.83 0.38
C LYS A 258 -2.65 -24.76 -0.28
N MET A 259 -2.98 -23.64 -0.91
CA MET A 259 -4.25 -23.56 -1.64
C MET A 259 -4.24 -24.45 -2.88
N GLY A 260 -3.08 -24.60 -3.52
CA GLY A 260 -2.96 -25.48 -4.66
C GLY A 260 -3.18 -24.75 -5.96
N ASP A 261 -3.97 -25.36 -6.85
CA ASP A 261 -4.26 -24.78 -8.15
C ASP A 261 -5.30 -23.67 -8.04
N GLN A 262 -6.05 -23.61 -6.94
CA GLN A 262 -7.06 -22.56 -6.78
C GLN A 262 -6.44 -21.17 -6.77
N ALA A 263 -5.31 -21.01 -6.10
CA ALA A 263 -4.61 -19.73 -6.08
C ALA A 263 -3.56 -19.66 -7.18
N LYS A 264 -3.95 -19.96 -8.41
CA LYS A 264 -3.02 -19.90 -9.54
C LYS A 264 -2.95 -18.52 -10.16
N LEU A 265 -4.04 -17.75 -10.14
CA LEU A 265 -4.04 -16.42 -10.70
C LEU A 265 -3.15 -15.46 -9.90
N MET A 266 -2.99 -15.70 -8.61
CA MET A 266 -2.17 -14.82 -7.78
C MET A 266 -0.69 -15.17 -7.83
N VAL A 267 -0.34 -16.46 -7.76
CA VAL A 267 1.05 -16.84 -7.88
C VAL A 267 1.65 -16.36 -9.18
N ASP A 268 0.92 -16.46 -10.30
CA ASP A 268 1.39 -15.87 -11.54
C ASP A 268 1.50 -14.35 -11.42
N PHE A 269 0.52 -13.69 -10.81
CA PHE A 269 0.54 -12.23 -10.73
C PHE A 269 1.85 -11.74 -10.12
N PHE A 270 2.08 -12.06 -8.85
CA PHE A 270 3.35 -11.74 -8.22
C PHE A 270 4.53 -12.24 -9.03
N ASN A 271 4.41 -13.43 -9.63
CA ASN A 271 5.48 -13.94 -10.47
C ASN A 271 5.88 -12.91 -11.51
N ILE A 272 4.91 -12.39 -12.26
CA ILE A 272 5.21 -11.38 -13.27
C ILE A 272 5.91 -10.20 -12.61
N LEU A 273 5.37 -9.71 -11.50
CA LEU A 273 5.96 -8.56 -10.83
C LEU A 273 7.44 -8.78 -10.58
N ASN A 274 7.81 -10.01 -10.22
CA ASN A 274 9.21 -10.31 -9.93
C ASN A 274 10.11 -9.88 -11.09
N GLU A 275 9.84 -10.37 -12.30
CA GLU A 275 10.71 -10.01 -13.41
C GLU A 275 10.77 -8.50 -13.57
N ILE A 276 9.61 -7.83 -13.45
CA ILE A 276 9.59 -6.38 -13.59
C ILE A 276 10.61 -5.76 -12.65
N VAL A 277 10.50 -6.06 -11.35
CA VAL A 277 11.42 -5.42 -10.42
C VAL A 277 12.84 -5.90 -10.69
N MET A 278 13.00 -7.17 -11.06
CA MET A 278 14.35 -7.64 -11.39
C MET A 278 14.91 -6.87 -12.57
N LYS A 279 14.09 -6.61 -13.59
CA LYS A 279 14.55 -5.80 -14.71
C LYS A 279 15.05 -4.45 -14.21
N LEU A 280 14.32 -3.84 -13.28
CA LEU A 280 14.74 -2.56 -12.74
C LEU A 280 16.11 -2.68 -12.09
N VAL A 281 16.33 -3.76 -11.32
CA VAL A 281 17.61 -3.97 -10.68
C VAL A 281 18.72 -4.12 -11.71
N ILE A 282 18.40 -4.65 -12.89
CA ILE A 282 19.41 -4.72 -13.94
C ILE A 282 19.77 -3.34 -14.47
N MET A 283 18.80 -2.43 -14.59
CA MET A 283 19.11 -1.11 -15.14
C MET A 283 19.89 -0.26 -14.15
N ILE A 284 19.47 -0.25 -12.88
CA ILE A 284 20.10 0.61 -11.88
C ILE A 284 21.57 0.24 -11.72
N MET A 285 21.89 -1.05 -11.71
CA MET A 285 23.26 -1.47 -11.55
C MET A 285 24.13 -1.12 -12.75
N TRP A 286 23.53 -0.70 -13.88
CA TRP A 286 24.33 -0.17 -14.97
C TRP A 286 24.76 1.27 -14.68
N TYR A 287 23.98 2.01 -13.89
CA TYR A 287 24.37 3.35 -13.49
C TYR A 287 25.36 3.31 -12.33
N SER A 288 25.50 2.16 -11.70
CA SER A 288 26.34 1.95 -10.52
C SER A 288 27.80 2.38 -10.71
N PRO A 289 28.46 2.04 -11.83
CA PRO A 289 29.87 2.46 -11.99
C PRO A 289 30.08 3.95 -11.88
N LEU A 290 29.16 4.77 -12.39
CA LEU A 290 29.30 6.22 -12.29
C LEU A 290 28.96 6.75 -10.90
N GLY A 291 28.00 6.14 -10.20
CA GLY A 291 27.63 6.58 -8.88
C GLY A 291 28.64 6.20 -7.81
N ILE A 292 29.01 4.93 -7.80
CA ILE A 292 29.91 4.41 -6.76
C ILE A 292 31.19 5.25 -6.70
N ALA A 293 31.79 5.51 -7.86
CA ALA A 293 32.99 6.33 -7.91
C ALA A 293 32.81 7.63 -7.15
N CYS A 294 31.71 8.35 -7.44
CA CYS A 294 31.46 9.60 -6.75
C CYS A 294 31.47 9.42 -5.24
N LEU A 295 30.78 8.39 -4.75
CA LEU A 295 30.75 8.16 -3.32
C LEU A 295 32.15 7.92 -2.78
N ILE A 296 32.96 7.15 -3.50
CA ILE A 296 34.33 6.91 -3.06
C ILE A 296 35.08 8.23 -2.97
N CYS A 297 34.89 9.11 -3.96
CA CYS A 297 35.49 10.43 -3.88
C CYS A 297 35.00 11.17 -2.64
N GLY A 298 33.69 11.13 -2.39
CA GLY A 298 33.15 11.74 -1.20
C GLY A 298 33.67 11.13 0.09
N LYS A 299 34.16 9.90 0.03
CA LYS A 299 34.73 9.28 1.22
C LYS A 299 36.19 9.65 1.40
N ILE A 300 36.86 10.08 0.33
CA ILE A 300 38.28 10.37 0.43
C ILE A 300 38.52 11.86 0.72
N ILE A 301 37.66 12.72 0.18
CA ILE A 301 37.82 14.16 0.38
C ILE A 301 37.68 14.53 1.84
N ALA A 302 36.69 13.95 2.52
CA ALA A 302 36.36 14.35 3.88
C ALA A 302 36.52 13.19 4.86
N ILE A 303 37.61 12.44 4.74
CA ILE A 303 37.89 11.35 5.67
C ILE A 303 38.67 11.81 6.89
N LYS A 304 39.42 12.92 6.80
CA LYS A 304 40.11 13.56 7.91
C LYS A 304 41.32 12.74 8.35
N ASP A 305 41.47 11.53 7.81
CA ASP A 305 42.61 10.67 8.11
C ASP A 305 42.69 9.52 7.13
N LEU A 306 43.85 9.35 6.49
CA LEU A 306 44.04 8.29 5.51
C LEU A 306 44.79 7.08 6.06
N GLU A 307 45.59 7.26 7.09
CA GLU A 307 46.41 6.19 7.65
C GLU A 307 45.61 5.25 8.56
N VAL A 308 44.56 5.75 9.21
CA VAL A 308 43.77 4.92 10.10
C VAL A 308 42.61 4.23 9.40
N VAL A 309 42.04 4.83 8.35
CA VAL A 309 40.96 4.18 7.61
C VAL A 309 41.49 2.98 6.83
N ALA A 310 42.71 3.08 6.29
CA ALA A 310 43.31 1.95 5.61
C ALA A 310 43.69 0.83 6.55
N ARG A 311 43.92 1.14 7.84
CA ARG A 311 44.14 0.09 8.83
C ARG A 311 42.85 -0.63 9.17
N GLN A 312 41.74 0.14 9.28
CA GLN A 312 40.44 -0.48 9.51
C GLN A 312 40.02 -1.35 8.33
N LEU A 313 40.22 -0.87 7.10
CA LEU A 313 39.89 -1.66 5.92
C LEU A 313 40.79 -2.87 5.75
N GLY A 314 41.94 -2.91 6.43
CA GLY A 314 42.79 -4.07 6.42
C GLY A 314 42.38 -5.07 7.47
N MET A 315 42.03 -4.56 8.66
CA MET A 315 41.59 -5.44 9.74
C MET A 315 40.24 -6.08 9.41
N TYR A 316 39.38 -5.37 8.68
CA TYR A 316 38.12 -5.94 8.24
C TYR A 316 38.35 -7.10 7.27
N MET A 317 39.28 -6.93 6.33
CA MET A 317 39.65 -8.05 5.47
C MET A 317 40.24 -9.20 6.26
N VAL A 318 41.09 -8.89 7.25
CA VAL A 318 41.69 -9.95 8.06
C VAL A 318 40.63 -10.75 8.79
N THR A 319 39.64 -10.08 9.39
CA THR A 319 38.62 -10.82 10.12
C THR A 319 37.70 -11.59 9.17
N VAL A 320 37.42 -11.06 7.98
CA VAL A 320 36.62 -11.81 7.02
C VAL A 320 37.36 -13.08 6.60
N ILE A 321 38.65 -12.95 6.30
CA ILE A 321 39.46 -14.12 5.94
C ILE A 321 39.51 -15.13 7.07
N ILE A 322 39.75 -14.67 8.29
CA ILE A 322 39.82 -15.57 9.44
C ILE A 322 38.50 -16.30 9.63
N GLY A 323 37.38 -15.61 9.46
CA GLY A 323 36.08 -16.23 9.51
C GLY A 323 35.90 -17.29 8.45
N LEU A 324 36.37 -17.02 7.24
CA LEU A 324 36.26 -18.00 6.17
C LEU A 324 37.01 -19.28 6.50
N ILE A 325 38.29 -19.15 6.88
CA ILE A 325 39.04 -20.36 7.26
C ILE A 325 38.44 -21.07 8.45
N ILE A 326 38.08 -20.34 9.51
CA ILE A 326 37.46 -21.01 10.66
C ILE A 326 36.25 -21.80 10.20
N HIS A 327 35.25 -21.12 9.64
CA HIS A 327 34.02 -21.78 9.24
C HIS A 327 34.33 -23.01 8.39
N GLY A 328 34.92 -22.80 7.21
CA GLY A 328 35.17 -23.94 6.35
C GLY A 328 35.98 -25.02 7.03
N GLY A 329 37.27 -24.76 7.26
CA GLY A 329 38.21 -25.75 7.72
C GLY A 329 37.86 -26.45 9.02
N ILE A 330 37.37 -25.71 10.02
CA ILE A 330 37.04 -26.33 11.29
C ILE A 330 35.63 -26.92 11.21
N PHE A 331 34.63 -26.06 10.97
CA PHE A 331 33.25 -26.49 11.17
C PHE A 331 32.83 -27.54 10.15
N LEU A 332 33.09 -27.33 8.85
CA LEU A 332 32.50 -28.23 7.86
C LEU A 332 33.00 -29.66 8.02
N PRO A 333 34.32 -29.92 8.14
CA PRO A 333 34.73 -31.29 8.49
C PRO A 333 34.17 -31.77 9.82
N LEU A 334 34.01 -30.87 10.80
CA LEU A 334 33.52 -31.30 12.11
C LEU A 334 32.03 -31.67 12.03
N ILE A 335 31.25 -30.90 11.29
CA ILE A 335 29.83 -31.20 11.10
C ILE A 335 29.71 -32.48 10.29
N TYR A 336 30.63 -32.69 9.36
CA TYR A 336 30.64 -33.91 8.56
C TYR A 336 30.97 -35.14 9.39
N PHE A 337 31.91 -35.02 10.33
CA PHE A 337 32.37 -36.17 11.08
C PHE A 337 31.36 -36.61 12.13
N VAL A 338 30.63 -35.67 12.74
CA VAL A 338 29.67 -36.03 13.78
C VAL A 338 28.39 -36.62 13.23
N VAL A 339 28.23 -36.65 11.90
CA VAL A 339 27.02 -37.20 11.28
C VAL A 339 27.41 -38.36 10.38
N THR A 340 28.24 -38.08 9.37
CA THR A 340 28.64 -39.11 8.42
C THR A 340 29.59 -40.12 9.07
N ARG A 341 30.41 -39.68 10.03
CA ARG A 341 31.29 -40.55 10.81
C ARG A 341 32.34 -41.23 9.94
N LYS A 342 32.78 -40.57 8.88
CA LYS A 342 33.90 -41.01 8.07
C LYS A 342 35.00 -39.94 8.11
N ASN A 343 36.09 -40.22 7.39
CA ASN A 343 37.23 -39.31 7.39
C ASN A 343 36.87 -38.04 6.63
N PRO A 344 36.96 -36.86 7.26
CA PRO A 344 36.62 -35.62 6.56
C PRO A 344 37.76 -35.03 5.74
N PHE A 345 38.95 -35.63 5.77
CA PHE A 345 40.07 -35.16 4.97
C PHE A 345 40.16 -35.84 3.62
N SER A 346 39.71 -37.09 3.52
CA SER A 346 39.56 -37.70 2.20
C SER A 346 38.56 -36.95 1.35
N PHE A 347 37.55 -36.33 1.98
CA PHE A 347 36.61 -35.50 1.23
C PHE A 347 37.30 -34.28 0.64
N PHE A 348 38.16 -33.62 1.41
CA PHE A 348 39.00 -32.55 0.86
C PHE A 348 39.87 -33.07 -0.27
N ALA A 349 40.46 -34.24 -0.10
CA ALA A 349 41.30 -34.81 -1.14
C ALA A 349 40.50 -35.07 -2.42
N GLY A 350 39.22 -35.40 -2.30
CA GLY A 350 38.39 -35.69 -3.45
C GLY A 350 37.84 -34.47 -4.16
N ILE A 351 37.57 -33.41 -3.42
CA ILE A 351 36.96 -32.20 -3.98
C ILE A 351 37.98 -31.07 -4.13
N PHE A 352 39.27 -31.38 -4.08
CA PHE A 352 40.30 -30.34 -4.20
C PHE A 352 40.25 -29.66 -5.56
N GLN A 353 40.01 -30.43 -6.64
CA GLN A 353 39.90 -29.84 -7.96
C GLN A 353 38.73 -28.87 -8.05
N ALA A 354 37.59 -29.21 -7.44
CA ALA A 354 36.46 -28.29 -7.40
C ALA A 354 36.80 -27.02 -6.63
N TRP A 355 37.54 -27.15 -5.52
CA TRP A 355 37.95 -25.98 -4.77
C TRP A 355 38.87 -25.09 -5.60
N ILE A 356 39.82 -25.68 -6.33
CA ILE A 356 40.71 -24.91 -7.17
C ILE A 356 39.93 -24.21 -8.28
N THR A 357 38.99 -24.92 -8.89
CA THR A 357 38.15 -24.32 -9.94
C THR A 357 37.32 -23.17 -9.39
N ALA A 358 36.77 -23.31 -8.19
CA ALA A 358 36.03 -22.22 -7.58
C ALA A 358 36.92 -21.03 -7.27
N LEU A 359 38.15 -21.27 -6.82
CA LEU A 359 39.09 -20.18 -6.59
C LEU A 359 39.41 -19.46 -7.90
N GLY A 360 39.59 -20.21 -8.98
CA GLY A 360 39.93 -19.62 -10.26
C GLY A 360 38.80 -18.85 -10.92
N THR A 361 37.68 -19.54 -11.16
CA THR A 361 36.56 -18.93 -11.86
C THR A 361 35.77 -17.95 -10.98
N ALA A 362 35.82 -18.10 -9.66
CA ALA A 362 35.11 -17.23 -8.72
C ALA A 362 33.60 -17.23 -8.98
N SER A 363 33.07 -18.36 -9.44
CA SER A 363 31.63 -18.50 -9.67
C SER A 363 31.20 -19.89 -9.24
N SER A 364 30.18 -19.95 -8.38
CA SER A 364 29.69 -21.24 -7.89
C SER A 364 28.86 -21.98 -8.94
N ALA A 365 28.25 -21.27 -9.88
CA ALA A 365 27.47 -21.90 -10.93
C ALA A 365 28.33 -22.55 -12.00
N GLY A 366 29.45 -21.91 -12.35
CA GLY A 366 30.35 -22.47 -13.35
C GLY A 366 31.23 -23.60 -12.87
N THR A 367 31.23 -23.86 -11.56
CA THR A 367 32.00 -24.95 -10.98
C THR A 367 31.21 -26.26 -10.96
N LEU A 368 29.91 -26.20 -11.30
CA LEU A 368 29.08 -27.40 -11.25
C LEU A 368 29.60 -28.56 -12.11
N PRO A 369 30.03 -28.37 -13.36
CA PRO A 369 30.59 -29.51 -14.11
C PRO A 369 31.80 -30.14 -13.44
N VAL A 370 32.66 -29.36 -12.79
CA VAL A 370 33.82 -29.93 -12.10
C VAL A 370 33.40 -30.63 -10.82
N THR A 371 32.50 -30.01 -10.04
CA THR A 371 32.11 -30.61 -8.78
C THR A 371 31.27 -31.87 -8.96
N PHE A 372 30.52 -31.98 -10.06
CA PHE A 372 29.81 -33.23 -10.34
C PHE A 372 30.80 -34.36 -10.59
N ARG A 373 31.77 -34.13 -11.48
CA ARG A 373 32.79 -35.13 -11.77
C ARG A 373 33.65 -35.46 -10.56
N CYS A 374 33.78 -34.51 -9.62
CA CYS A 374 34.49 -34.82 -8.39
C CYS A 374 33.63 -35.71 -7.48
N LEU A 375 32.42 -35.25 -7.16
CA LEU A 375 31.60 -35.93 -6.16
C LEU A 375 31.19 -37.32 -6.61
N GLU A 376 30.62 -37.44 -7.81
CA GLU A 376 30.03 -38.71 -8.21
C GLU A 376 31.01 -39.66 -8.89
N GLU A 377 32.29 -39.30 -8.96
CA GLU A 377 33.28 -40.19 -9.58
C GLU A 377 34.44 -40.48 -8.63
N ASN A 378 34.87 -39.47 -7.86
CA ASN A 378 35.98 -39.64 -6.94
C ASN A 378 35.57 -40.12 -5.55
N LEU A 379 34.32 -39.86 -5.14
CA LEU A 379 33.86 -40.24 -3.82
C LEU A 379 32.75 -41.29 -3.83
N GLY A 380 32.11 -41.52 -4.97
CA GLY A 380 31.10 -42.56 -5.06
C GLY A 380 29.71 -42.15 -4.66
N ILE A 381 29.40 -40.86 -4.66
CA ILE A 381 28.05 -40.40 -4.33
C ILE A 381 27.10 -40.78 -5.45
N ASP A 382 25.92 -41.28 -5.08
CA ASP A 382 24.94 -41.71 -6.06
C ASP A 382 24.43 -40.51 -6.85
N LYS A 383 24.13 -40.74 -8.13
CA LYS A 383 23.66 -39.68 -9.00
C LYS A 383 22.29 -39.13 -8.59
N ARG A 384 21.51 -39.90 -7.84
CA ARG A 384 20.20 -39.43 -7.41
C ARG A 384 20.29 -38.34 -6.34
N VAL A 385 21.43 -38.22 -5.68
CA VAL A 385 21.60 -37.23 -4.62
C VAL A 385 22.22 -35.95 -5.15
N THR A 386 23.32 -36.06 -5.90
CA THR A 386 24.05 -34.89 -6.37
C THR A 386 23.20 -34.05 -7.31
N ARG A 387 22.47 -34.69 -8.22
CA ARG A 387 21.69 -33.97 -9.23
C ARG A 387 20.57 -33.13 -8.62
N PHE A 388 20.24 -33.33 -7.34
CA PHE A 388 19.35 -32.42 -6.63
C PHE A 388 20.10 -31.50 -5.68
N VAL A 389 21.12 -32.00 -5.00
CA VAL A 389 21.78 -31.19 -3.97
C VAL A 389 22.59 -30.06 -4.60
N LEU A 390 23.40 -30.37 -5.61
CA LEU A 390 24.32 -29.38 -6.16
C LEU A 390 23.62 -28.21 -6.87
N PRO A 391 22.67 -28.45 -7.78
CA PRO A 391 22.02 -27.31 -8.46
C PRO A 391 21.26 -26.39 -7.53
N VAL A 392 20.69 -26.89 -6.43
CA VAL A 392 19.98 -26.05 -5.49
C VAL A 392 20.93 -25.40 -4.50
N GLY A 393 21.97 -26.13 -4.07
CA GLY A 393 22.97 -25.55 -3.20
C GLY A 393 23.81 -24.49 -3.86
N ALA A 394 23.92 -24.53 -5.19
CA ALA A 394 24.62 -23.47 -5.92
C ALA A 394 23.83 -22.18 -5.99
N THR A 395 22.57 -22.19 -5.58
CA THR A 395 21.73 -21.01 -5.62
C THR A 395 21.29 -20.54 -4.25
N ILE A 396 21.06 -21.43 -3.29
CA ILE A 396 20.56 -21.02 -1.98
C ILE A 396 21.53 -21.35 -0.84
N ASN A 397 22.55 -22.17 -1.07
CA ASN A 397 23.52 -22.50 -0.03
C ASN A 397 24.76 -21.65 -0.23
N MET A 398 24.64 -20.37 0.11
CA MET A 398 25.75 -19.41 0.06
C MET A 398 26.14 -19.11 1.51
N ASP A 399 27.01 -19.94 2.06
CA ASP A 399 27.40 -19.83 3.47
C ASP A 399 28.62 -18.94 3.67
N GLY A 400 29.27 -18.50 2.60
CA GLY A 400 30.36 -17.54 2.74
C GLY A 400 29.84 -16.13 2.66
N THR A 401 28.83 -15.93 1.81
CA THR A 401 28.20 -14.62 1.70
C THR A 401 27.49 -14.23 2.99
N ALA A 402 26.90 -15.20 3.70
CA ALA A 402 26.25 -14.90 4.97
C ALA A 402 27.26 -14.40 6.00
N LEU A 403 28.41 -15.06 6.11
CA LEU A 403 29.45 -14.60 7.03
C LEU A 403 29.97 -13.23 6.60
N TYR A 404 30.20 -13.05 5.30
CA TYR A 404 30.62 -11.76 4.78
C TYR A 404 29.66 -10.64 5.20
N GLU A 405 28.37 -10.85 4.97
CA GLU A 405 27.37 -9.83 5.23
C GLU A 405 27.13 -9.60 6.71
N ALA A 406 27.31 -10.63 7.54
CA ALA A 406 27.22 -10.45 8.98
C ALA A 406 28.41 -9.66 9.52
N VAL A 407 29.61 -9.90 8.99
CA VAL A 407 30.78 -9.14 9.43
C VAL A 407 30.68 -7.70 8.95
N ALA A 408 30.30 -7.49 7.70
CA ALA A 408 30.35 -6.18 7.08
C ALA A 408 29.36 -5.17 7.65
N ALA A 409 28.17 -5.62 8.06
CA ALA A 409 27.20 -4.70 8.64
C ALA A 409 27.65 -4.18 10.00
N ILE A 410 28.12 -5.07 10.87
CA ILE A 410 28.64 -4.64 12.15
C ILE A 410 29.93 -3.85 12.00
N PHE A 411 30.72 -4.13 10.96
CA PHE A 411 31.90 -3.29 10.69
C PHE A 411 31.49 -1.86 10.37
N ILE A 412 30.46 -1.68 9.53
CA ILE A 412 29.97 -0.35 9.22
C ILE A 412 29.40 0.32 10.46
N ALA A 413 28.68 -0.44 11.29
CA ALA A 413 28.18 0.12 12.54
C ALA A 413 29.31 0.58 13.45
N GLN A 414 30.39 -0.21 13.54
CA GLN A 414 31.52 0.16 14.38
C GLN A 414 32.27 1.36 13.83
N MET A 415 32.34 1.52 12.50
CA MET A 415 32.99 2.70 11.95
C MET A 415 32.24 3.98 12.31
N ASN A 416 30.91 3.93 12.36
CA ASN A 416 30.09 5.09 12.66
C ASN A 416 29.94 5.36 14.15
N GLY A 417 30.54 4.53 15.00
CA GLY A 417 30.42 4.70 16.43
C GLY A 417 29.16 4.12 17.02
N VAL A 418 28.30 3.50 16.22
CA VAL A 418 27.06 2.91 16.72
C VAL A 418 27.38 1.60 17.41
N VAL A 419 26.90 1.44 18.64
CA VAL A 419 27.06 0.21 19.40
C VAL A 419 25.72 -0.52 19.37
N LEU A 420 25.62 -1.55 18.56
CA LEU A 420 24.38 -2.30 18.45
C LEU A 420 24.10 -3.08 19.73
N ASP A 421 22.85 -3.03 20.18
CA ASP A 421 22.43 -3.79 21.34
C ASP A 421 22.09 -5.21 20.92
N GLY A 422 21.55 -6.00 21.85
CA GLY A 422 21.25 -7.40 21.56
C GLY A 422 20.05 -7.59 20.66
N GLY A 423 19.25 -6.56 20.44
CA GLY A 423 18.10 -6.68 19.57
C GLY A 423 18.42 -6.49 18.10
N GLN A 424 19.55 -5.85 17.82
CA GLN A 424 20.00 -5.67 16.45
C GLN A 424 21.08 -6.67 16.04
N ILE A 425 21.77 -7.29 16.99
CA ILE A 425 22.65 -8.40 16.63
C ILE A 425 21.85 -9.55 16.04
N VAL A 426 20.71 -9.88 16.65
CA VAL A 426 19.83 -10.91 16.11
C VAL A 426 19.28 -10.48 14.75
N THR A 427 18.95 -9.20 14.58
CA THR A 427 18.48 -8.72 13.30
C THR A 427 19.56 -8.88 12.22
N VAL A 428 20.81 -8.57 12.56
CA VAL A 428 21.91 -8.77 11.61
C VAL A 428 22.05 -10.24 11.26
N SER A 429 22.02 -11.11 12.27
CA SER A 429 22.18 -12.54 12.05
C SER A 429 21.06 -13.12 11.20
N LEU A 430 19.84 -12.58 11.31
CA LEU A 430 18.73 -13.07 10.51
C LEU A 430 18.71 -12.49 9.10
N THR A 431 18.93 -11.17 8.98
CA THR A 431 18.94 -10.55 7.67
C THR A 431 20.11 -11.00 6.82
N ALA A 432 21.25 -11.32 7.42
CA ALA A 432 22.36 -11.88 6.64
C ALA A 432 21.98 -13.23 6.07
N THR A 433 21.30 -14.07 6.86
CA THR A 433 20.85 -15.37 6.37
C THR A 433 19.85 -15.21 5.23
N LEU A 434 18.89 -14.29 5.38
CA LEU A 434 17.91 -14.08 4.32
C LEU A 434 18.55 -13.50 3.05
N ALA A 435 19.50 -12.59 3.20
CA ALA A 435 20.15 -11.95 2.07
C ALA A 435 21.16 -12.86 1.37
N SER A 436 21.68 -13.85 2.08
CA SER A 436 22.62 -14.80 1.51
C SER A 436 21.91 -15.62 0.41
N VAL A 437 20.67 -16.02 0.67
CA VAL A 437 19.89 -16.79 -0.30
C VAL A 437 19.54 -15.93 -1.50
N GLY A 438 19.22 -14.66 -1.28
CA GLY A 438 18.79 -13.79 -2.36
C GLY A 438 19.93 -13.17 -3.15
N ALA A 439 21.15 -13.28 -2.64
CA ALA A 439 22.31 -12.77 -3.36
C ALA A 439 22.59 -13.53 -4.65
N ALA A 440 22.39 -14.83 -4.67
CA ALA A 440 22.61 -15.64 -5.87
C ALA A 440 21.34 -15.86 -6.68
N SER A 441 20.17 -15.80 -6.05
CA SER A 441 18.92 -16.00 -6.77
C SER A 441 18.57 -14.79 -7.63
N ILE A 442 18.89 -13.59 -7.18
CA ILE A 442 18.59 -12.35 -7.90
C ILE A 442 19.86 -11.89 -8.60
N PRO A 443 19.87 -11.84 -9.93
CA PRO A 443 21.07 -11.36 -10.63
C PRO A 443 21.35 -9.90 -10.33
N SER A 444 22.65 -9.56 -10.33
CA SER A 444 23.12 -8.20 -10.08
C SER A 444 22.62 -7.68 -8.73
N ALA A 445 22.59 -8.55 -7.73
CA ALA A 445 22.16 -8.20 -6.38
C ALA A 445 23.30 -8.54 -5.42
N GLY A 446 24.24 -7.62 -5.28
CA GLY A 446 25.30 -7.74 -4.31
C GLY A 446 25.48 -6.44 -3.55
N LEU A 447 24.84 -5.38 -4.05
CA LEU A 447 24.85 -4.08 -3.42
C LEU A 447 23.50 -3.73 -2.80
N VAL A 448 22.41 -4.35 -3.24
CA VAL A 448 21.11 -4.14 -2.61
C VAL A 448 20.92 -5.03 -1.38
N THR A 449 21.57 -6.19 -1.34
CA THR A 449 21.46 -7.06 -0.18
C THR A 449 22.13 -6.45 1.05
N MET A 450 23.23 -5.72 0.85
CA MET A 450 23.85 -5.03 1.98
C MET A 450 23.01 -3.84 2.43
N LEU A 451 22.39 -3.13 1.48
CA LEU A 451 21.46 -2.06 1.84
C LEU A 451 20.28 -2.60 2.64
N LEU A 452 19.82 -3.82 2.32
CA LEU A 452 18.74 -4.42 3.08
C LEU A 452 19.12 -4.57 4.54
N ILE A 453 20.32 -5.10 4.83
CA ILE A 453 20.76 -5.27 6.21
C ILE A 453 20.95 -3.92 6.88
N LEU A 454 21.58 -2.98 6.18
CA LEU A 454 21.84 -1.66 6.76
C LEU A 454 20.55 -0.95 7.15
N THR A 455 19.53 -1.01 6.29
CA THR A 455 18.24 -0.42 6.60
C THR A 455 17.47 -1.25 7.63
N ALA A 456 17.73 -2.56 7.71
CA ALA A 456 17.09 -3.37 8.74
C ALA A 456 17.57 -2.95 10.12
N VAL A 457 18.86 -2.67 10.28
CA VAL A 457 19.39 -2.23 11.57
C VAL A 457 19.53 -0.71 11.65
N GLY A 458 19.16 0.01 10.59
CA GLY A 458 19.18 1.46 10.63
C GLY A 458 20.56 2.06 10.70
N LEU A 459 21.38 1.81 9.69
CA LEU A 459 22.74 2.34 9.65
C LEU A 459 22.91 3.25 8.44
N PRO A 460 23.81 4.24 8.53
CA PRO A 460 24.11 5.08 7.35
C PRO A 460 24.69 4.22 6.24
N THR A 461 24.28 4.53 5.00
CA THR A 461 24.65 3.72 3.84
C THR A 461 25.65 4.42 2.92
N GLU A 462 26.46 5.32 3.45
CA GLU A 462 27.54 5.93 2.69
C GLU A 462 28.89 5.25 2.89
N ASP A 463 29.03 4.45 3.95
CA ASP A 463 30.25 3.67 4.16
C ASP A 463 30.27 2.37 3.36
N ILE A 464 29.18 2.06 2.66
CA ILE A 464 29.13 0.88 1.80
C ILE A 464 30.05 1.04 0.59
N SER A 465 30.46 2.27 0.27
CA SER A 465 31.36 2.47 -0.85
C SER A 465 32.72 1.82 -0.62
N LEU A 466 33.23 1.90 0.61
CA LEU A 466 34.50 1.27 0.95
C LEU A 466 34.44 -0.24 0.83
N LEU A 467 33.27 -0.83 1.09
CA LEU A 467 33.13 -2.29 0.95
C LEU A 467 33.33 -2.73 -0.49
N VAL A 468 32.79 -1.97 -1.44
CA VAL A 468 32.92 -2.33 -2.85
C VAL A 468 34.37 -2.27 -3.32
N ALA A 469 35.20 -1.45 -2.68
CA ALA A 469 36.59 -1.31 -3.11
C ALA A 469 37.43 -2.54 -2.80
N VAL A 470 36.95 -3.45 -1.95
CA VAL A 470 37.72 -4.61 -1.54
C VAL A 470 36.99 -5.93 -1.79
N ASP A 471 35.85 -5.87 -2.47
CA ASP A 471 35.07 -7.06 -2.75
C ASP A 471 35.77 -8.02 -3.72
N TRP A 472 36.58 -7.46 -4.62
CA TRP A 472 37.31 -8.27 -5.60
C TRP A 472 38.45 -9.05 -4.97
N LEU A 473 38.81 -8.75 -3.73
CA LEU A 473 39.81 -9.52 -3.01
C LEU A 473 39.19 -10.64 -2.17
N LEU A 474 37.87 -10.61 -1.96
CA LEU A 474 37.21 -11.54 -1.05
C LEU A 474 36.26 -12.51 -1.73
N ASP A 475 35.64 -12.10 -2.84
CA ASP A 475 34.66 -12.96 -3.49
C ASP A 475 35.27 -14.25 -4.03
N ARG A 476 36.52 -14.21 -4.50
CA ARG A 476 37.16 -15.37 -5.09
C ARG A 476 37.33 -16.51 -4.10
N MET A 477 37.31 -16.24 -2.79
CA MET A 477 37.36 -17.28 -1.79
C MET A 477 36.11 -17.36 -0.94
N ARG A 478 35.18 -16.41 -1.07
CA ARG A 478 33.82 -16.68 -0.63
C ARG A 478 33.19 -17.77 -1.49
N THR A 479 33.45 -17.73 -2.79
CA THR A 479 32.94 -18.75 -3.70
C THR A 479 33.49 -20.12 -3.35
N SER A 480 34.76 -20.19 -2.95
CA SER A 480 35.36 -21.46 -2.55
C SER A 480 34.63 -22.05 -1.36
N VAL A 481 34.33 -21.22 -0.36
CA VAL A 481 33.63 -21.70 0.83
C VAL A 481 32.22 -22.15 0.46
N ASN A 482 31.56 -21.42 -0.45
CA ASN A 482 30.24 -21.83 -0.90
C ASN A 482 30.28 -23.20 -1.56
N VAL A 483 31.26 -23.42 -2.44
CA VAL A 483 31.37 -24.70 -3.13
C VAL A 483 31.69 -25.83 -2.16
N VAL A 484 32.58 -25.57 -1.20
CA VAL A 484 32.90 -26.60 -0.20
C VAL A 484 31.68 -26.94 0.64
N GLY A 485 30.89 -25.93 1.03
CA GLY A 485 29.65 -26.19 1.74
C GLY A 485 28.64 -27.00 0.95
N ASP A 486 28.53 -26.73 -0.36
CA ASP A 486 27.67 -27.55 -1.20
C ASP A 486 28.17 -28.99 -1.26
N SER A 487 29.48 -29.19 -1.41
CA SER A 487 30.02 -30.53 -1.52
C SER A 487 29.82 -31.33 -0.24
N PHE A 488 30.04 -30.70 0.92
CA PHE A 488 29.82 -31.41 2.18
C PHE A 488 28.34 -31.76 2.37
N GLY A 489 27.45 -30.86 1.96
CA GLY A 489 26.03 -31.19 2.03
C GLY A 489 25.68 -32.38 1.15
N ALA A 490 26.23 -32.42 -0.06
CA ALA A 490 26.02 -33.57 -0.92
C ALA A 490 26.61 -34.85 -0.34
N GLY A 491 27.72 -34.76 0.38
CA GLY A 491 28.30 -35.93 1.01
C GLY A 491 27.55 -36.39 2.25
N ILE A 492 26.85 -35.48 2.90
CA ILE A 492 26.07 -35.81 4.10
C ILE A 492 24.71 -36.38 3.74
N VAL A 493 24.02 -35.79 2.75
CA VAL A 493 22.72 -36.32 2.34
C VAL A 493 22.82 -37.73 1.81
N TYR A 494 23.96 -38.12 1.25
CA TYR A 494 24.19 -39.50 0.84
C TYR A 494 24.41 -40.43 2.03
N HIS A 495 24.71 -39.90 3.21
CA HIS A 495 24.79 -40.71 4.40
C HIS A 495 23.52 -40.71 5.22
N LEU A 496 22.64 -39.72 5.04
CA LEU A 496 21.32 -39.74 5.65
C LEU A 496 20.27 -40.37 4.76
N SER A 497 20.63 -40.81 3.56
CA SER A 497 19.65 -41.43 2.65
C SER A 497 20.22 -42.63 1.92
N LYS A 498 21.22 -43.30 2.47
CA LYS A 498 21.78 -44.48 1.81
C LYS A 498 20.80 -45.64 1.84
N SER A 499 20.21 -45.91 3.01
CA SER A 499 19.29 -47.02 3.15
C SER A 499 18.02 -46.81 2.32
N GLU A 500 17.52 -45.58 2.26
CA GLU A 500 16.33 -45.30 1.47
C GLU A 500 16.57 -45.59 -0.02
N LEU A 501 17.72 -45.14 -0.54
CA LEU A 501 18.06 -45.44 -1.92
C LEU A 501 18.27 -46.92 -2.15
N ASP A 502 18.91 -47.61 -1.20
CA ASP A 502 19.11 -49.05 -1.33
C ASP A 502 17.77 -49.79 -1.40
N THR A 503 16.82 -49.41 -0.55
CA THR A 503 15.51 -50.04 -0.58
C THR A 503 14.71 -49.68 -1.83
N ILE A 504 14.80 -48.44 -2.28
CA ILE A 504 14.05 -48.05 -3.47
C ILE A 504 14.65 -48.64 -4.74
N ASP A 505 15.93 -49.05 -4.70
CA ASP A 505 16.50 -49.74 -5.85
C ASP A 505 15.91 -51.13 -6.01
N SER A 506 15.62 -51.80 -4.90
CA SER A 506 15.05 -53.14 -4.95
C SER A 506 13.70 -53.19 -4.25
N LYS B 40 -16.92 -34.90 24.95
CA LYS B 40 -16.97 -33.52 24.47
C LYS B 40 -15.59 -32.88 24.47
N LEU B 41 -14.57 -33.67 24.81
CA LEU B 41 -13.19 -33.21 24.84
C LEU B 41 -12.47 -33.46 23.52
N GLY B 42 -13.15 -34.04 22.53
CA GLY B 42 -12.54 -34.27 21.23
C GLY B 42 -13.23 -33.48 20.14
N LYS B 43 -14.53 -33.23 20.30
CA LYS B 43 -15.29 -32.43 19.35
C LYS B 43 -15.27 -30.98 19.78
N ASN B 44 -15.01 -30.09 18.82
CA ASN B 44 -14.89 -28.65 19.07
C ASN B 44 -13.82 -28.37 20.13
N LEU B 45 -12.59 -28.74 19.80
CA LEU B 45 -11.47 -28.58 20.73
C LEU B 45 -10.86 -27.19 20.57
N LEU B 46 -11.73 -26.19 20.63
CA LEU B 46 -11.33 -24.79 20.70
C LEU B 46 -12.05 -24.04 21.82
N LEU B 47 -13.33 -24.33 22.05
CA LEU B 47 -14.03 -23.73 23.18
C LEU B 47 -13.58 -24.34 24.49
N THR B 48 -13.41 -25.67 24.52
CA THR B 48 -12.90 -26.32 25.72
C THR B 48 -11.48 -25.85 26.03
N LEU B 49 -10.63 -25.70 25.01
CA LEU B 49 -9.28 -25.21 25.25
C LEU B 49 -9.30 -23.78 25.78
N THR B 50 -10.17 -22.93 25.23
CA THR B 50 -10.23 -21.55 25.70
C THR B 50 -10.76 -21.48 27.13
N VAL B 51 -11.78 -22.26 27.48
CA VAL B 51 -12.28 -22.21 28.85
C VAL B 51 -11.26 -22.79 29.83
N PHE B 52 -10.53 -23.84 29.44
CA PHE B 52 -9.45 -24.33 30.28
C PHE B 52 -8.36 -23.28 30.46
N GLY B 53 -8.01 -22.57 29.39
CA GLY B 53 -7.04 -21.49 29.51
C GLY B 53 -7.52 -20.38 30.43
N VAL B 54 -8.80 -20.02 30.32
CA VAL B 54 -9.36 -18.99 31.19
C VAL B 54 -9.31 -19.43 32.66
N ILE B 55 -9.70 -20.68 32.94
CA ILE B 55 -9.68 -21.17 34.31
C ILE B 55 -8.25 -21.23 34.84
N LEU B 56 -7.31 -21.72 34.02
CA LEU B 56 -5.93 -21.81 34.45
C LEU B 56 -5.34 -20.43 34.71
N GLY B 57 -5.62 -19.46 33.84
CA GLY B 57 -5.14 -18.11 34.07
C GLY B 57 -5.73 -17.48 35.31
N ALA B 58 -7.02 -17.71 35.56
CA ALA B 58 -7.65 -17.20 36.77
C ALA B 58 -7.02 -17.80 38.02
N VAL B 59 -6.78 -19.12 38.01
CA VAL B 59 -6.17 -19.78 39.15
C VAL B 59 -4.75 -19.25 39.39
N CYS B 60 -3.97 -19.12 38.31
CA CYS B 60 -2.61 -18.61 38.44
C CYS B 60 -2.60 -17.18 38.94
N GLY B 61 -3.50 -16.32 38.44
CA GLY B 61 -3.55 -14.96 38.94
C GLY B 61 -3.97 -14.87 40.38
N GLY B 62 -4.93 -15.70 40.80
CA GLY B 62 -5.34 -15.71 42.19
C GLY B 62 -4.25 -16.20 43.12
N LEU B 63 -3.54 -17.26 42.71
CA LEU B 63 -2.49 -17.82 43.55
C LEU B 63 -1.21 -17.00 43.55
N LEU B 64 -0.97 -16.20 42.50
CA LEU B 64 0.27 -15.44 42.40
C LEU B 64 0.15 -14.03 42.96
N ARG B 65 -1.05 -13.44 42.96
CA ARG B 65 -1.26 -12.18 43.67
C ARG B 65 -1.31 -12.37 45.17
N LEU B 66 -1.44 -13.61 45.65
CA LEU B 66 -1.44 -13.90 47.08
C LEU B 66 -0.03 -13.86 47.67
N ALA B 67 1.00 -14.02 46.84
CA ALA B 67 2.36 -14.14 47.35
C ALA B 67 2.91 -12.80 47.83
N SER B 68 3.01 -11.83 46.93
CA SER B 68 3.63 -10.55 47.26
C SER B 68 3.26 -9.56 46.16
N PRO B 69 3.46 -8.25 46.40
CA PRO B 69 3.31 -7.27 45.31
C PRO B 69 4.26 -7.58 44.17
N ILE B 70 3.70 -7.92 43.01
CA ILE B 70 4.48 -8.45 41.91
C ILE B 70 5.11 -7.29 41.14
N HIS B 71 6.37 -7.48 40.74
CA HIS B 71 7.11 -6.43 40.04
C HIS B 71 6.46 -6.16 38.68
N PRO B 72 6.39 -4.89 38.26
CA PRO B 72 5.77 -4.59 36.95
C PRO B 72 6.48 -5.23 35.78
N ASP B 73 7.81 -5.36 35.82
CA ASP B 73 8.53 -5.93 34.69
C ASP B 73 8.15 -7.39 34.46
N VAL B 74 8.07 -8.18 35.54
CA VAL B 74 7.66 -9.57 35.38
C VAL B 74 6.18 -9.69 35.06
N VAL B 75 5.35 -8.72 35.47
CA VAL B 75 3.96 -8.70 35.02
C VAL B 75 3.89 -8.51 33.51
N MET B 76 4.67 -7.58 32.98
CA MET B 76 4.72 -7.38 31.53
C MET B 76 5.24 -8.62 30.82
N LEU B 77 6.26 -9.26 31.41
CA LEU B 77 6.78 -10.50 30.83
C LEU B 77 5.72 -11.60 30.81
N ILE B 78 4.92 -11.69 31.87
CA ILE B 78 3.85 -12.69 31.93
C ILE B 78 2.80 -12.40 30.87
N ALA B 79 2.40 -11.14 30.72
CA ALA B 79 1.34 -10.77 29.81
C ALA B 79 1.81 -10.63 28.36
N PHE B 80 3.12 -10.75 28.11
CA PHE B 80 3.62 -10.60 26.75
C PHE B 80 3.00 -11.53 25.71
N PRO B 81 2.76 -12.83 25.98
CA PRO B 81 2.11 -13.66 24.96
C PRO B 81 0.74 -13.16 24.52
N GLY B 82 -0.06 -12.62 25.44
CA GLY B 82 -1.33 -12.02 25.03
C GLY B 82 -1.16 -10.81 24.15
N ASP B 83 -0.17 -9.96 24.46
CA ASP B 83 0.14 -8.84 23.59
C ASP B 83 0.54 -9.30 22.21
N ILE B 84 1.34 -10.37 22.13
CA ILE B 84 1.72 -10.94 20.84
C ILE B 84 0.49 -11.43 20.08
N LEU B 85 -0.42 -12.10 20.78
CA LEU B 85 -1.63 -12.59 20.14
C LEU B 85 -2.46 -11.45 19.57
N MET B 86 -2.62 -10.36 20.33
CA MET B 86 -3.45 -9.27 19.84
C MET B 86 -2.75 -8.48 18.75
N ARG B 87 -1.41 -8.40 18.79
CA ARG B 87 -0.69 -7.83 17.65
C ARG B 87 -0.90 -8.65 16.39
N MET B 88 -0.83 -9.98 16.51
CA MET B 88 -1.07 -10.84 15.37
C MET B 88 -2.49 -10.70 14.84
N LEU B 89 -3.48 -10.58 15.73
CA LEU B 89 -4.86 -10.41 15.29
C LEU B 89 -5.10 -9.04 14.65
N LYS B 90 -4.50 -7.97 15.17
CA LYS B 90 -4.64 -6.66 14.58
C LYS B 90 -3.88 -6.52 13.27
N MET B 91 -2.85 -7.35 13.05
CA MET B 91 -2.13 -7.33 11.79
C MET B 91 -3.02 -7.70 10.60
N LEU B 92 -4.13 -8.38 10.83
CA LEU B 92 -4.95 -8.93 9.77
C LEU B 92 -6.24 -8.16 9.52
N ILE B 93 -6.53 -7.12 10.30
CA ILE B 93 -7.79 -6.41 10.13
C ILE B 93 -7.92 -5.73 8.78
N LEU B 94 -6.90 -5.00 8.33
CA LEU B 94 -6.97 -4.27 7.07
C LEU B 94 -7.12 -5.20 5.87
N PRO B 95 -6.27 -6.22 5.70
CA PRO B 95 -6.49 -7.17 4.59
C PRO B 95 -7.81 -7.90 4.68
N LEU B 96 -8.26 -8.24 5.89
CA LEU B 96 -9.56 -8.89 6.04
C LEU B 96 -10.69 -7.99 5.55
N ILE B 97 -10.67 -6.72 5.92
CA ILE B 97 -11.70 -5.79 5.49
C ILE B 97 -11.67 -5.62 3.97
N ILE B 98 -10.47 -5.40 3.42
CA ILE B 98 -10.35 -5.15 1.99
C ILE B 98 -10.83 -6.36 1.19
N SER B 99 -10.43 -7.56 1.61
CA SER B 99 -10.86 -8.77 0.90
C SER B 99 -12.36 -9.00 1.06
N SER B 100 -12.88 -8.87 2.29
CA SER B 100 -14.26 -9.25 2.55
C SER B 100 -15.25 -8.31 1.88
N LEU B 101 -15.01 -7.00 1.94
CA LEU B 101 -15.94 -6.07 1.31
C LEU B 101 -16.00 -6.30 -0.20
N ILE B 102 -14.84 -6.44 -0.83
CA ILE B 102 -14.79 -6.65 -2.27
C ILE B 102 -15.43 -7.97 -2.66
N THR B 103 -15.16 -9.03 -1.90
CA THR B 103 -15.73 -10.34 -2.24
C THR B 103 -17.24 -10.37 -2.04
N GLY B 104 -17.72 -9.87 -0.90
CA GLY B 104 -19.14 -9.87 -0.62
C GLY B 104 -19.96 -8.97 -1.52
N LEU B 105 -19.49 -7.75 -1.78
CA LEU B 105 -20.24 -6.84 -2.61
C LEU B 105 -20.22 -7.21 -4.09
N SER B 106 -19.38 -8.16 -4.49
CA SER B 106 -19.40 -8.67 -5.85
C SER B 106 -20.35 -9.86 -6.02
N GLY B 107 -20.95 -10.34 -4.93
CA GLY B 107 -21.87 -11.46 -5.00
C GLY B 107 -23.32 -11.04 -4.92
N LEU B 108 -23.59 -9.76 -5.10
CA LEU B 108 -24.95 -9.24 -5.11
C LEU B 108 -25.57 -9.47 -6.48
N ASP B 109 -26.68 -10.19 -6.53
CA ASP B 109 -27.36 -10.53 -7.77
C ASP B 109 -28.76 -9.95 -7.77
N ALA B 110 -29.15 -9.37 -8.90
CA ALA B 110 -30.51 -8.85 -9.06
C ALA B 110 -31.53 -9.95 -9.30
N LYS B 111 -31.09 -11.19 -9.53
CA LYS B 111 -31.97 -12.32 -9.75
C LYS B 111 -32.25 -13.10 -8.48
N ALA B 112 -32.03 -12.51 -7.31
CA ALA B 112 -32.26 -13.18 -6.03
C ALA B 112 -33.76 -13.22 -5.74
N SER B 113 -34.44 -14.08 -6.49
CA SER B 113 -35.89 -14.26 -6.38
C SER B 113 -36.65 -12.95 -6.55
N GLY B 114 -36.16 -12.08 -7.43
CA GLY B 114 -36.81 -10.80 -7.64
C GLY B 114 -36.67 -9.91 -6.43
N ARG B 115 -37.78 -9.30 -6.03
CA ARG B 115 -37.77 -8.42 -4.87
C ARG B 115 -37.60 -9.18 -3.56
N LEU B 116 -37.86 -10.50 -3.57
CA LEU B 116 -37.78 -11.29 -2.34
C LEU B 116 -36.43 -11.11 -1.66
N GLY B 117 -35.36 -10.94 -2.44
CA GLY B 117 -34.08 -10.63 -1.88
C GLY B 117 -34.03 -9.26 -1.23
N THR B 118 -34.28 -8.21 -2.02
CA THR B 118 -34.00 -6.86 -1.54
C THR B 118 -34.83 -6.51 -0.32
N ARG B 119 -36.11 -6.86 -0.31
CA ARG B 119 -36.93 -6.65 0.88
C ARG B 119 -36.26 -7.26 2.10
N ALA B 120 -35.85 -8.53 1.99
CA ALA B 120 -35.16 -9.18 3.11
C ALA B 120 -33.94 -8.38 3.52
N MET B 121 -33.15 -7.92 2.54
CA MET B 121 -31.99 -7.10 2.87
C MET B 121 -32.40 -5.85 3.62
N VAL B 122 -33.47 -5.18 3.16
CA VAL B 122 -33.94 -3.99 3.85
C VAL B 122 -34.33 -4.33 5.28
N TYR B 123 -34.85 -5.54 5.50
CA TYR B 123 -35.09 -5.98 6.87
C TYR B 123 -33.78 -6.26 7.59
N TYR B 124 -32.87 -6.98 6.94
CA TYR B 124 -31.68 -7.48 7.63
C TYR B 124 -30.83 -6.36 8.18
N MET B 125 -30.62 -5.30 7.39
CA MET B 125 -29.83 -4.17 7.85
C MET B 125 -30.63 -3.19 8.69
N SER B 126 -31.94 -3.34 8.77
CA SER B 126 -32.72 -2.40 9.59
C SER B 126 -32.68 -2.80 11.06
N THR B 127 -33.25 -3.96 11.39
CA THR B 127 -33.35 -4.37 12.79
C THR B 127 -31.99 -4.43 13.44
N THR B 128 -31.00 -4.99 12.75
CA THR B 128 -29.64 -5.04 13.28
C THR B 128 -29.19 -3.66 13.73
N ILE B 129 -29.33 -2.66 12.85
CA ILE B 129 -28.92 -1.31 13.22
C ILE B 129 -29.66 -0.88 14.49
N ILE B 130 -30.97 -1.08 14.52
CA ILE B 130 -31.75 -0.72 15.71
C ILE B 130 -31.14 -1.37 16.93
N ALA B 131 -30.87 -2.68 16.83
CA ALA B 131 -30.28 -3.39 17.96
C ALA B 131 -29.04 -2.69 18.44
N ALA B 132 -28.11 -2.41 17.53
CA ALA B 132 -26.88 -1.73 17.92
C ALA B 132 -27.20 -0.43 18.65
N VAL B 133 -28.07 0.40 18.06
CA VAL B 133 -28.41 1.67 18.68
C VAL B 133 -28.98 1.42 20.06
N LEU B 134 -29.92 0.47 20.18
CA LEU B 134 -30.50 0.17 21.47
C LEU B 134 -29.42 -0.19 22.48
N GLY B 135 -28.47 -1.05 22.07
CA GLY B 135 -27.40 -1.42 22.97
C GLY B 135 -26.67 -0.20 23.47
N VAL B 136 -26.33 0.72 22.56
CA VAL B 136 -25.63 1.93 22.96
C VAL B 136 -26.43 2.66 24.04
N ILE B 137 -27.73 2.85 23.81
CA ILE B 137 -28.54 3.55 24.78
C ILE B 137 -28.41 2.90 26.14
N LEU B 138 -28.54 1.58 26.18
CA LEU B 138 -28.51 0.90 27.47
C LEU B 138 -27.15 1.03 28.15
N VAL B 139 -26.06 0.94 27.38
CA VAL B 139 -24.76 1.05 28.02
C VAL B 139 -24.47 2.47 28.44
N LEU B 140 -25.23 3.44 27.93
CA LEU B 140 -25.13 4.81 28.39
C LEU B 140 -26.14 5.12 29.49
N ALA B 141 -27.02 4.17 29.82
CA ALA B 141 -28.00 4.35 30.87
C ALA B 141 -27.67 3.55 32.13
N ILE B 142 -27.38 2.26 31.96
CA ILE B 142 -26.95 1.45 33.09
C ILE B 142 -25.59 1.90 33.60
N HIS B 143 -24.70 2.29 32.69
CA HIS B 143 -23.35 2.73 32.99
C HIS B 143 -22.58 1.68 33.79
N PRO B 144 -22.29 0.52 33.22
CA PRO B 144 -21.48 -0.47 33.94
C PRO B 144 -20.01 -0.10 33.86
N GLY B 145 -19.30 -0.31 34.96
CA GLY B 145 -17.91 0.08 35.02
C GLY B 145 -17.74 1.55 35.33
N ASN B 146 -18.23 1.99 36.48
CA ASN B 146 -18.11 3.37 36.91
C ASN B 146 -16.65 3.76 37.11
N VAL B 162 -13.39 19.31 23.10
CA VAL B 162 -13.89 19.53 21.76
C VAL B 162 -15.42 19.62 21.78
N SER B 163 -15.98 20.37 20.84
CA SER B 163 -17.43 20.54 20.77
C SER B 163 -18.07 19.34 20.09
N SER B 164 -19.40 19.26 20.18
CA SER B 164 -20.13 18.21 19.48
C SER B 164 -20.14 18.45 17.97
N LEU B 165 -20.31 19.72 17.57
CA LEU B 165 -20.28 20.04 16.14
C LEU B 165 -18.95 19.68 15.51
N ASP B 166 -17.85 19.98 16.22
CA ASP B 166 -16.53 19.63 15.71
C ASP B 166 -16.34 18.12 15.64
N ALA B 167 -16.89 17.38 16.61
CA ALA B 167 -16.81 15.92 16.57
C ALA B 167 -17.55 15.36 15.37
N PHE B 168 -18.75 15.87 15.09
CA PHE B 168 -19.49 15.39 13.93
C PHE B 168 -18.82 15.80 12.62
N LEU B 169 -18.23 17.00 12.56
CA LEU B 169 -17.49 17.40 11.38
C LEU B 169 -16.27 16.52 11.17
N ASP B 170 -15.56 16.16 12.23
CA ASP B 170 -14.44 15.24 12.12
C ASP B 170 -14.89 13.87 11.65
N LEU B 171 -16.03 13.39 12.14
CA LEU B 171 -16.57 12.13 11.64
C LEU B 171 -16.84 12.19 10.15
N ILE B 172 -17.53 13.24 9.70
CA ILE B 172 -17.84 13.37 8.28
C ILE B 172 -16.56 13.50 7.45
N ARG B 173 -15.55 14.21 7.96
CA ARG B 173 -14.27 14.28 7.27
C ARG B 173 -13.61 12.91 7.17
N ASN B 174 -13.70 12.10 8.22
CA ASN B 174 -13.08 10.78 8.23
C ASN B 174 -13.80 9.79 7.33
N LEU B 175 -15.10 9.98 7.08
CA LEU B 175 -15.75 9.14 6.07
C LEU B 175 -15.20 9.39 4.67
N PHE B 176 -14.56 10.53 4.44
CA PHE B 176 -13.99 10.88 3.13
C PHE B 176 -12.52 11.26 3.31
N PRO B 177 -11.63 10.30 3.42
CA PRO B 177 -10.20 10.61 3.57
C PRO B 177 -9.61 11.18 2.30
N GLU B 178 -8.54 11.96 2.49
CA GLU B 178 -7.82 12.55 1.37
C GLU B 178 -6.72 11.66 0.81
N ASN B 179 -6.17 10.77 1.63
CA ASN B 179 -5.13 9.85 1.20
C ASN B 179 -5.51 8.44 1.63
N LEU B 180 -5.45 7.50 0.69
CA LEU B 180 -5.81 6.12 0.97
C LEU B 180 -4.73 5.39 1.76
N VAL B 181 -3.46 5.66 1.46
CA VAL B 181 -2.37 5.04 2.22
C VAL B 181 -2.32 5.61 3.63
N GLN B 182 -2.54 6.91 3.77
CA GLN B 182 -2.56 7.54 5.09
C GLN B 182 -3.78 7.14 5.89
N ALA B 183 -4.87 6.75 5.24
CA ALA B 183 -6.06 6.30 5.96
C ALA B 183 -5.83 4.97 6.66
N CYS B 184 -4.82 4.20 6.25
CA CYS B 184 -4.55 2.91 6.85
C CYS B 184 -3.92 3.01 8.24
N PHE B 185 -3.30 4.14 8.57
CA PHE B 185 -2.62 4.26 9.85
C PHE B 185 -2.78 5.62 10.53
N GLN B 186 -3.67 6.49 10.05
CA GLN B 186 -3.82 7.82 10.63
C GLN B 186 -5.25 8.30 10.47
N GLN B 187 -5.60 9.31 11.27
CA GLN B 187 -6.93 9.89 11.28
C GLN B 187 -6.76 11.40 11.44
N ILE B 188 -7.86 12.13 11.34
CA ILE B 188 -7.81 13.58 11.44
C ILE B 188 -8.65 14.04 12.63
N GLN B 189 -8.30 15.21 13.17
CA GLN B 189 -9.04 15.78 14.29
C GLN B 189 -8.82 17.29 14.31
N THR B 190 -9.74 17.98 14.96
CA THR B 190 -9.67 19.44 15.09
C THR B 190 -9.09 19.79 16.45
N VAL B 191 -7.84 20.24 16.46
CA VAL B 191 -7.23 20.80 17.67
C VAL B 191 -7.65 22.26 17.79
N THR B 192 -7.38 22.87 18.93
CA THR B 192 -7.74 24.26 19.16
C THR B 192 -6.56 25.00 19.77
N LYS B 193 -6.54 26.31 19.56
CA LYS B 193 -5.46 27.15 20.06
C LYS B 193 -5.47 27.21 21.60
N LYS B 231 -7.82 29.51 12.85
CA LYS B 231 -7.63 29.46 14.31
C LYS B 231 -7.66 28.03 14.82
N LYS B 232 -8.73 27.30 14.47
CA LYS B 232 -8.88 25.92 14.92
C LYS B 232 -7.77 25.03 14.40
N GLY B 233 -7.71 24.85 13.08
CA GLY B 233 -6.72 23.98 12.47
C GLY B 233 -7.11 22.52 12.52
N LEU B 234 -6.49 21.75 11.63
CA LEU B 234 -6.72 20.31 11.53
C LEU B 234 -5.39 19.60 11.69
N GLU B 235 -5.35 18.58 12.54
CA GLU B 235 -4.12 17.86 12.83
C GLU B 235 -4.36 16.36 12.70
N PHE B 236 -3.33 15.64 12.24
CA PHE B 236 -3.43 14.20 12.04
C PHE B 236 -3.03 13.48 13.32
N LYS B 237 -3.93 12.63 13.82
CA LYS B 237 -3.68 11.78 14.97
C LYS B 237 -3.42 10.36 14.51
N ASP B 238 -2.88 9.55 15.42
CA ASP B 238 -2.58 8.16 15.12
C ASP B 238 -3.82 7.30 15.31
N GLY B 239 -3.90 6.22 14.53
CA GLY B 239 -5.05 5.34 14.58
C GLY B 239 -5.64 5.08 13.21
N MET B 240 -5.89 3.82 12.89
CA MET B 240 -6.37 3.46 11.57
C MET B 240 -7.76 4.02 11.32
N ASN B 241 -7.96 4.56 10.12
CA ASN B 241 -9.25 5.14 9.72
C ASN B 241 -10.11 4.02 9.15
N VAL B 242 -10.89 3.37 10.02
CA VAL B 242 -11.69 2.23 9.61
C VAL B 242 -12.86 2.67 8.72
N LEU B 243 -13.56 3.74 9.11
CA LEU B 243 -14.76 4.15 8.38
C LEU B 243 -14.43 4.64 6.98
N GLY B 244 -13.35 5.41 6.82
CA GLY B 244 -13.00 5.88 5.49
C GLY B 244 -12.62 4.76 4.54
N LEU B 245 -11.81 3.81 5.02
CA LEU B 245 -11.46 2.65 4.20
C LEU B 245 -12.70 1.83 3.87
N ILE B 246 -13.59 1.62 4.84
CA ILE B 246 -14.79 0.85 4.60
C ILE B 246 -15.66 1.52 3.55
N GLY B 247 -15.84 2.84 3.65
CA GLY B 247 -16.64 3.54 2.65
C GLY B 247 -16.02 3.50 1.26
N PHE B 248 -14.71 3.74 1.17
CA PHE B 248 -14.06 3.71 -0.13
C PHE B 248 -14.17 2.33 -0.77
N PHE B 249 -13.95 1.27 0.02
CA PHE B 249 -14.02 -0.06 -0.57
C PHE B 249 -15.44 -0.54 -0.81
N ILE B 250 -16.42 -0.01 -0.08
CA ILE B 250 -17.82 -0.26 -0.44
C ILE B 250 -18.11 0.35 -1.80
N ALA B 251 -17.67 1.58 -2.04
CA ALA B 251 -17.83 2.20 -3.35
C ALA B 251 -17.08 1.41 -4.42
N PHE B 252 -15.88 0.95 -4.09
CA PHE B 252 -15.08 0.16 -5.02
C PHE B 252 -15.80 -1.12 -5.43
N GLY B 253 -16.30 -1.87 -4.44
CA GLY B 253 -17.02 -3.10 -4.73
C GLY B 253 -18.30 -2.87 -5.50
N ILE B 254 -19.03 -1.81 -5.17
CA ILE B 254 -20.26 -1.50 -5.91
C ILE B 254 -19.94 -1.16 -7.36
N ALA B 255 -18.91 -0.34 -7.59
CA ALA B 255 -18.55 0.03 -8.95
C ALA B 255 -18.00 -1.15 -9.74
N MET B 256 -17.27 -2.05 -9.08
CA MET B 256 -16.71 -3.20 -9.77
C MET B 256 -17.76 -4.26 -10.06
N GLY B 257 -18.77 -4.41 -9.19
CA GLY B 257 -19.85 -5.34 -9.47
C GLY B 257 -20.70 -4.95 -10.65
N LYS B 258 -20.71 -3.67 -11.02
CA LYS B 258 -21.45 -3.19 -12.18
C LYS B 258 -20.67 -3.37 -13.48
N MET B 259 -19.37 -3.67 -13.41
CA MET B 259 -18.61 -3.91 -14.63
C MET B 259 -19.05 -5.21 -15.29
N GLY B 260 -19.43 -6.21 -14.50
CA GLY B 260 -19.94 -7.46 -15.05
C GLY B 260 -18.84 -8.48 -15.21
N ASP B 261 -18.82 -9.14 -16.37
CA ASP B 261 -17.83 -10.17 -16.65
C ASP B 261 -16.47 -9.56 -17.03
N GLN B 262 -16.45 -8.28 -17.39
CA GLN B 262 -15.19 -7.63 -17.77
C GLN B 262 -14.22 -7.61 -16.61
N ALA B 263 -14.70 -7.31 -15.40
CA ALA B 263 -13.85 -7.32 -14.21
C ALA B 263 -13.87 -8.67 -13.51
N LYS B 264 -13.64 -9.75 -14.26
CA LYS B 264 -13.62 -11.09 -13.69
C LYS B 264 -12.26 -11.48 -13.14
N LEU B 265 -11.17 -10.98 -13.75
CA LEU B 265 -9.83 -11.28 -13.26
C LEU B 265 -9.57 -10.68 -11.90
N MET B 266 -10.21 -9.55 -11.56
CA MET B 266 -9.98 -8.91 -10.28
C MET B 266 -10.83 -9.50 -9.17
N VAL B 267 -12.12 -9.75 -9.43
CA VAL B 267 -12.97 -10.38 -8.42
C VAL B 267 -12.40 -11.72 -7.97
N ASP B 268 -11.89 -12.52 -8.91
CA ASP B 268 -11.20 -13.73 -8.52
C ASP B 268 -9.95 -13.44 -7.70
N PHE B 269 -9.16 -12.43 -8.11
CA PHE B 269 -7.92 -12.14 -7.43
C PHE B 269 -8.15 -11.91 -5.94
N PHE B 270 -8.89 -10.85 -5.60
CA PHE B 270 -9.27 -10.63 -4.21
C PHE B 270 -9.93 -11.85 -3.60
N ASN B 271 -10.75 -12.56 -4.38
CA ASN B 271 -11.39 -13.77 -3.87
C ASN B 271 -10.33 -14.71 -3.29
N ILE B 272 -9.29 -15.01 -4.07
CA ILE B 272 -8.23 -15.88 -3.58
C ILE B 272 -7.66 -15.32 -2.29
N LEU B 273 -7.33 -14.02 -2.29
CA LEU B 273 -6.74 -13.40 -1.11
C LEU B 273 -7.57 -13.68 0.12
N ASN B 274 -8.90 -13.67 -0.03
CA ASN B 274 -9.78 -13.91 1.11
C ASN B 274 -9.41 -15.20 1.82
N GLU B 275 -9.39 -16.32 1.09
CA GLU B 275 -9.09 -17.58 1.77
C GLU B 275 -7.74 -17.50 2.46
N ILE B 276 -6.75 -16.91 1.79
CA ILE B 276 -5.42 -16.81 2.39
C ILE B 276 -5.54 -16.16 3.76
N VAL B 277 -6.14 -14.97 3.82
CA VAL B 277 -6.19 -14.30 5.11
C VAL B 277 -7.07 -15.08 6.07
N MET B 278 -8.15 -15.69 5.55
CA MET B 278 -8.99 -16.50 6.43
C MET B 278 -8.19 -17.66 7.00
N LYS B 279 -7.35 -18.30 6.18
CA LYS B 279 -6.50 -19.36 6.69
C LYS B 279 -5.64 -18.86 7.84
N LEU B 280 -5.09 -17.65 7.68
CA LEU B 280 -4.29 -17.07 8.76
C LEU B 280 -5.11 -16.93 10.02
N VAL B 281 -6.36 -16.45 9.90
CA VAL B 281 -7.21 -16.31 11.06
C VAL B 281 -7.48 -17.65 11.71
N ILE B 282 -7.48 -18.74 10.94
CA ILE B 282 -7.63 -20.06 11.54
C ILE B 282 -6.42 -20.44 12.37
N MET B 283 -5.21 -20.10 11.91
CA MET B 283 -4.00 -20.49 12.63
C MET B 283 -3.85 -19.69 13.92
N ILE B 284 -4.04 -18.37 13.84
CA ILE B 284 -3.80 -17.51 15.00
C ILE B 284 -4.73 -17.90 16.14
N MET B 285 -5.99 -18.19 15.83
CA MET B 285 -6.94 -18.56 16.87
C MET B 285 -6.62 -19.91 17.51
N TRP B 286 -5.71 -20.69 16.93
CA TRP B 286 -5.22 -21.89 17.61
C TRP B 286 -4.22 -21.53 18.70
N TYR B 287 -3.49 -20.43 18.54
CA TYR B 287 -2.57 -19.97 19.57
C TYR B 287 -3.32 -19.21 20.66
N SER B 288 -4.57 -18.85 20.41
CA SER B 288 -5.41 -18.06 21.31
C SER B 288 -5.54 -18.65 22.71
N PRO B 289 -5.76 -19.95 22.88
CA PRO B 289 -5.90 -20.49 24.25
C PRO B 289 -4.70 -20.22 25.14
N LEU B 290 -3.47 -20.27 24.59
CA LEU B 290 -2.28 -19.98 25.39
C LEU B 290 -2.09 -18.50 25.64
N GLY B 291 -2.46 -17.64 24.69
CA GLY B 291 -2.29 -16.21 24.87
C GLY B 291 -3.32 -15.61 25.80
N ILE B 292 -4.60 -15.91 25.57
CA ILE B 292 -5.68 -15.33 26.35
C ILE B 292 -5.46 -15.55 27.83
N ALA B 293 -5.13 -16.78 28.21
CA ALA B 293 -4.86 -17.09 29.61
C ALA B 293 -3.86 -16.11 30.21
N CYS B 294 -2.72 -15.91 29.52
CA CYS B 294 -1.72 -14.98 30.02
C CYS B 294 -2.32 -13.61 30.28
N LEU B 295 -3.09 -13.09 29.33
CA LEU B 295 -3.70 -11.78 29.52
C LEU B 295 -4.59 -11.77 30.75
N ILE B 296 -5.38 -12.83 30.94
CA ILE B 296 -6.24 -12.90 32.12
C ILE B 296 -5.39 -12.85 33.38
N CYS B 297 -4.27 -13.57 33.39
CA CYS B 297 -3.35 -13.49 34.53
C CYS B 297 -2.87 -12.05 34.70
N GLY B 298 -2.47 -11.40 33.61
CA GLY B 298 -2.06 -10.01 33.69
C GLY B 298 -3.17 -9.08 34.15
N LYS B 299 -4.42 -9.50 34.01
CA LYS B 299 -5.52 -8.67 34.48
C LYS B 299 -5.81 -8.92 35.96
N ILE B 300 -5.38 -10.06 36.49
CA ILE B 300 -5.70 -10.38 37.87
C ILE B 300 -4.57 -9.96 38.80
N ILE B 301 -3.32 -10.04 38.33
CA ILE B 301 -2.18 -9.69 39.17
C ILE B 301 -2.23 -8.20 39.54
N ALA B 302 -2.54 -7.34 38.57
CA ALA B 302 -2.46 -5.90 38.78
C ALA B 302 -3.81 -5.23 38.62
N ILE B 303 -4.86 -5.83 39.19
CA ILE B 303 -6.18 -5.22 39.15
C ILE B 303 -6.43 -4.26 40.31
N LYS B 304 -5.71 -4.41 41.42
CA LYS B 304 -5.74 -3.49 42.57
C LYS B 304 -7.05 -3.60 43.34
N ASP B 305 -8.00 -4.35 42.80
CA ASP B 305 -9.28 -4.57 43.46
C ASP B 305 -10.05 -5.71 42.80
N LEU B 306 -10.46 -6.71 43.58
CA LEU B 306 -11.19 -7.86 43.04
C LEU B 306 -12.69 -7.78 43.27
N GLU B 307 -13.14 -7.04 44.28
CA GLU B 307 -14.55 -6.96 44.62
C GLU B 307 -15.32 -6.00 43.73
N VAL B 308 -14.67 -4.99 43.18
CA VAL B 308 -15.34 -4.02 42.33
C VAL B 308 -15.31 -4.42 40.85
N VAL B 309 -14.26 -5.11 40.40
CA VAL B 309 -14.21 -5.55 39.02
C VAL B 309 -15.24 -6.63 38.75
N ALA B 310 -15.47 -7.52 39.73
CA ALA B 310 -16.50 -8.54 39.59
C ALA B 310 -17.90 -7.95 39.62
N ARG B 311 -18.09 -6.79 40.25
CA ARG B 311 -19.37 -6.11 40.20
C ARG B 311 -19.60 -5.47 38.82
N GLN B 312 -18.55 -4.90 38.24
CA GLN B 312 -18.64 -4.36 36.89
C GLN B 312 -18.92 -5.46 35.87
N LEU B 313 -18.23 -6.60 35.99
CA LEU B 313 -18.45 -7.71 35.08
C LEU B 313 -19.81 -8.36 35.28
N GLY B 314 -20.48 -8.11 36.40
CA GLY B 314 -21.83 -8.58 36.60
C GLY B 314 -22.84 -7.61 36.04
N MET B 315 -22.60 -6.31 36.24
CA MET B 315 -23.51 -5.31 35.70
C MET B 315 -23.47 -5.28 34.18
N TYR B 316 -22.30 -5.56 33.59
CA TYR B 316 -22.20 -5.66 32.13
C TYR B 316 -23.03 -6.82 31.60
N MET B 317 -22.96 -7.97 32.27
CA MET B 317 -23.84 -9.08 31.89
C MET B 317 -25.30 -8.72 32.07
N VAL B 318 -25.65 -8.02 33.15
CA VAL B 318 -27.03 -7.64 33.38
C VAL B 318 -27.54 -6.74 32.26
N THR B 319 -26.73 -5.74 31.85
CA THR B 319 -27.21 -4.86 30.79
C THR B 319 -27.26 -5.56 29.44
N VAL B 320 -26.34 -6.49 29.17
CA VAL B 320 -26.43 -7.25 27.93
C VAL B 320 -27.70 -8.09 27.90
N ILE B 321 -28.01 -8.77 29.01
CA ILE B 321 -29.24 -9.55 29.10
C ILE B 321 -30.47 -8.67 28.93
N ILE B 322 -30.51 -7.53 29.64
CA ILE B 322 -31.66 -6.63 29.55
C ILE B 322 -31.84 -6.15 28.11
N GLY B 323 -30.75 -5.83 27.43
CA GLY B 323 -30.82 -5.45 26.03
C GLY B 323 -31.38 -6.56 25.17
N LEU B 324 -30.97 -7.80 25.42
CA LEU B 324 -31.48 -8.93 24.63
C LEU B 324 -33.00 -9.06 24.79
N ILE B 325 -33.48 -9.09 26.04
CA ILE B 325 -34.93 -9.19 26.23
C ILE B 325 -35.67 -7.99 25.65
N ILE B 326 -35.20 -6.76 25.91
CA ILE B 326 -35.88 -5.60 25.33
C ILE B 326 -35.97 -5.76 23.83
N HIS B 327 -34.82 -5.85 23.15
CA HIS B 327 -34.82 -5.93 21.69
C HIS B 327 -35.77 -7.02 21.22
N GLY B 328 -35.48 -8.28 21.55
CA GLY B 328 -36.34 -9.35 21.07
C GLY B 328 -37.80 -9.14 21.44
N GLY B 329 -38.12 -9.31 22.72
CA GLY B 329 -39.50 -9.34 23.18
C GLY B 329 -40.33 -8.13 22.85
N ILE B 330 -39.79 -6.93 23.00
CA ILE B 330 -40.57 -5.73 22.70
C ILE B 330 -40.51 -5.43 21.22
N PHE B 331 -39.30 -5.20 20.68
CA PHE B 331 -39.21 -4.63 19.34
C PHE B 331 -39.69 -5.61 18.28
N LEU B 332 -39.23 -6.87 18.31
CA LEU B 332 -39.51 -7.75 17.17
C LEU B 332 -41.00 -8.00 16.99
N PRO B 333 -41.77 -8.35 18.03
CA PRO B 333 -43.23 -8.37 17.86
C PRO B 333 -43.82 -7.03 17.46
N LEU B 334 -43.26 -5.92 17.95
CA LEU B 334 -43.80 -4.62 17.61
C LEU B 334 -43.55 -4.26 16.15
N ILE B 335 -42.35 -4.57 15.65
CA ILE B 335 -42.02 -4.33 14.25
C ILE B 335 -42.87 -5.25 13.38
N TYR B 336 -43.14 -6.46 13.88
CA TYR B 336 -43.98 -7.41 13.16
C TYR B 336 -45.43 -6.94 13.08
N PHE B 337 -45.95 -6.34 14.16
CA PHE B 337 -47.36 -5.98 14.21
C PHE B 337 -47.66 -4.75 13.36
N VAL B 338 -46.72 -3.79 13.30
CA VAL B 338 -46.96 -2.56 12.54
C VAL B 338 -46.83 -2.75 11.04
N VAL B 339 -46.43 -3.94 10.59
CA VAL B 339 -46.27 -4.21 9.16
C VAL B 339 -47.18 -5.37 8.77
N THR B 340 -46.95 -6.53 9.39
CA THR B 340 -47.75 -7.71 9.07
C THR B 340 -49.19 -7.58 9.57
N ARG B 341 -49.39 -6.88 10.69
CA ARG B 341 -50.72 -6.58 11.23
C ARG B 341 -51.47 -7.85 11.64
N LYS B 342 -50.75 -8.86 12.08
CA LYS B 342 -51.35 -10.05 12.68
C LYS B 342 -50.84 -10.21 14.11
N ASN B 343 -51.29 -11.27 14.77
CA ASN B 343 -50.93 -11.49 16.16
C ASN B 343 -49.46 -11.89 16.27
N PRO B 344 -48.64 -11.14 17.00
CA PRO B 344 -47.21 -11.48 17.11
C PRO B 344 -46.90 -12.53 18.18
N PHE B 345 -47.89 -12.98 18.94
CA PHE B 345 -47.68 -14.01 19.95
C PHE B 345 -47.93 -15.41 19.41
N SER B 346 -48.83 -15.56 18.43
CA SER B 346 -48.94 -16.84 17.73
C SER B 346 -47.64 -17.19 17.02
N PHE B 347 -46.89 -16.17 16.57
CA PHE B 347 -45.60 -16.43 15.96
C PHE B 347 -44.62 -17.01 16.97
N PHE B 348 -44.59 -16.46 18.19
CA PHE B 348 -43.81 -17.08 19.26
C PHE B 348 -44.27 -18.50 19.54
N ALA B 349 -45.58 -18.71 19.56
CA ALA B 349 -46.10 -20.06 19.79
C ALA B 349 -45.65 -21.03 18.70
N GLY B 350 -45.51 -20.55 17.47
CA GLY B 350 -45.11 -21.40 16.37
C GLY B 350 -43.63 -21.69 16.28
N ILE B 351 -42.79 -20.74 16.69
CA ILE B 351 -41.34 -20.88 16.58
C ILE B 351 -40.70 -21.17 17.93
N PHE B 352 -41.49 -21.59 18.92
CA PHE B 352 -40.93 -21.86 20.24
C PHE B 352 -39.93 -23.01 20.21
N GLN B 353 -40.21 -24.05 19.41
CA GLN B 353 -39.26 -25.16 19.30
C GLN B 353 -37.94 -24.71 18.70
N ALA B 354 -37.98 -23.82 17.70
CA ALA B 354 -36.75 -23.28 17.14
C ALA B 354 -35.98 -22.47 18.17
N TRP B 355 -36.69 -21.69 19.00
CA TRP B 355 -36.03 -20.94 20.06
C TRP B 355 -35.36 -21.86 21.08
N ILE B 356 -36.05 -22.94 21.46
CA ILE B 356 -35.46 -23.91 22.39
C ILE B 356 -34.24 -24.57 21.78
N THR B 357 -34.33 -24.95 20.50
CA THR B 357 -33.18 -25.55 19.83
C THR B 357 -32.00 -24.60 19.74
N ALA B 358 -32.27 -23.31 19.48
CA ALA B 358 -31.20 -22.32 19.46
C ALA B 358 -30.57 -22.14 20.83
N LEU B 359 -31.39 -22.16 21.88
CA LEU B 359 -30.86 -22.08 23.24
C LEU B 359 -29.98 -23.28 23.55
N GLY B 360 -30.40 -24.47 23.13
CA GLY B 360 -29.65 -25.68 23.41
C GLY B 360 -28.35 -25.80 22.62
N THR B 361 -28.45 -25.77 21.29
CA THR B 361 -27.29 -25.95 20.44
C THR B 361 -26.37 -24.74 20.39
N ALA B 362 -26.90 -23.55 20.66
CA ALA B 362 -26.14 -22.30 20.65
C ALA B 362 -25.48 -22.05 19.29
N SER B 363 -26.14 -22.48 18.22
CA SER B 363 -25.64 -22.25 16.86
C SER B 363 -26.82 -21.94 15.95
N SER B 364 -26.73 -20.81 15.25
CA SER B 364 -27.81 -20.40 14.35
C SER B 364 -27.85 -21.22 13.07
N ALA B 365 -26.72 -21.79 12.65
CA ALA B 365 -26.67 -22.61 11.44
C ALA B 365 -27.27 -24.00 11.67
N GLY B 366 -27.04 -24.59 12.84
CA GLY B 366 -27.58 -25.90 13.15
C GLY B 366 -29.06 -25.91 13.51
N THR B 367 -29.67 -24.75 13.68
CA THR B 367 -31.08 -24.63 13.99
C THR B 367 -31.93 -24.56 12.72
N LEU B 368 -31.30 -24.45 11.55
CA LEU B 368 -32.04 -24.33 10.29
C LEU B 368 -33.01 -25.47 10.03
N PRO B 369 -32.65 -26.75 10.22
CA PRO B 369 -33.65 -27.82 10.02
C PRO B 369 -34.87 -27.68 10.93
N VAL B 370 -34.69 -27.23 12.17
CA VAL B 370 -35.83 -27.06 13.07
C VAL B 370 -36.65 -25.85 12.67
N THR B 371 -35.99 -24.73 12.36
CA THR B 371 -36.72 -23.51 12.02
C THR B 371 -37.46 -23.61 10.69
N PHE B 372 -36.96 -24.40 9.75
CA PHE B 372 -37.71 -24.63 8.51
C PHE B 372 -39.00 -25.38 8.80
N ARG B 373 -38.92 -26.49 9.54
CA ARG B 373 -40.11 -27.24 9.91
C ARG B 373 -41.06 -26.45 10.77
N CYS B 374 -40.55 -25.48 11.52
CA CYS B 374 -41.45 -24.60 12.27
C CYS B 374 -42.15 -23.61 11.35
N LEU B 375 -41.38 -22.85 10.58
CA LEU B 375 -41.94 -21.76 9.78
C LEU B 375 -42.88 -22.27 8.70
N GLU B 376 -42.43 -23.22 7.89
CA GLU B 376 -43.20 -23.61 6.71
C GLU B 376 -44.22 -24.71 6.99
N GLU B 377 -44.38 -25.13 8.24
CA GLU B 377 -45.36 -26.16 8.55
C GLU B 377 -46.33 -25.71 9.64
N ASN B 378 -45.83 -24.96 10.62
CA ASN B 378 -46.66 -24.49 11.72
C ASN B 378 -47.32 -23.15 11.45
N LEU B 379 -46.74 -22.32 10.59
CA LEU B 379 -47.27 -21.00 10.31
C LEU B 379 -47.76 -20.81 8.89
N GLY B 380 -47.39 -21.71 7.97
CA GLY B 380 -47.89 -21.63 6.61
C GLY B 380 -47.11 -20.74 5.67
N ILE B 381 -45.86 -20.43 5.99
CA ILE B 381 -45.04 -19.61 5.11
C ILE B 381 -44.68 -20.41 3.86
N ASP B 382 -44.77 -19.76 2.70
CA ASP B 382 -44.50 -20.43 1.44
C ASP B 382 -43.02 -20.80 1.37
N LYS B 383 -42.75 -21.94 0.72
CA LYS B 383 -41.38 -22.43 0.58
C LYS B 383 -40.50 -21.51 -0.25
N ARG B 384 -41.08 -20.67 -1.11
CA ARG B 384 -40.28 -19.77 -1.93
C ARG B 384 -39.68 -18.63 -1.12
N VAL B 385 -40.19 -18.37 0.08
CA VAL B 385 -39.68 -17.28 0.90
C VAL B 385 -38.64 -17.78 1.89
N THR B 386 -38.96 -18.85 2.63
CA THR B 386 -38.07 -19.33 3.67
C THR B 386 -36.74 -19.80 3.11
N ARG B 387 -36.76 -20.52 1.98
CA ARG B 387 -35.54 -21.08 1.40
C ARG B 387 -34.55 -20.02 0.94
N PHE B 388 -34.97 -18.75 0.86
CA PHE B 388 -34.03 -17.66 0.67
C PHE B 388 -33.77 -16.87 1.94
N VAL B 389 -34.80 -16.65 2.76
CA VAL B 389 -34.64 -15.77 3.92
C VAL B 389 -33.79 -16.43 4.99
N LEU B 390 -34.07 -17.69 5.32
CA LEU B 390 -33.40 -18.34 6.44
C LEU B 390 -31.91 -18.59 6.19
N PRO B 391 -31.49 -19.17 5.06
CA PRO B 391 -30.05 -19.41 4.86
C PRO B 391 -29.21 -18.15 4.83
N VAL B 392 -29.74 -17.03 4.36
CA VAL B 392 -28.99 -15.77 4.33
C VAL B 392 -29.08 -15.06 5.67
N GLY B 393 -30.23 -15.11 6.33
CA GLY B 393 -30.36 -14.54 7.65
C GLY B 393 -29.55 -15.26 8.72
N ALA B 394 -29.26 -16.53 8.49
CA ALA B 394 -28.40 -17.28 9.40
C ALA B 394 -26.93 -16.88 9.28
N THR B 395 -26.58 -16.09 8.29
CA THR B 395 -25.21 -15.66 8.08
C THR B 395 -25.00 -14.16 8.22
N ILE B 396 -25.98 -13.34 7.84
CA ILE B 396 -25.81 -11.89 7.89
C ILE B 396 -26.78 -11.20 8.83
N ASN B 397 -27.84 -11.87 9.29
CA ASN B 397 -28.80 -11.27 10.22
C ASN B 397 -28.46 -11.73 11.63
N MET B 398 -27.39 -11.17 12.18
CA MET B 398 -26.96 -11.41 13.55
C MET B 398 -27.25 -10.15 14.34
N ASP B 399 -28.48 -10.05 14.85
CA ASP B 399 -28.92 -8.85 15.55
C ASP B 399 -28.68 -8.90 17.05
N GLY B 400 -28.23 -10.05 17.57
CA GLY B 400 -27.85 -10.13 18.97
C GLY B 400 -26.38 -9.79 19.14
N THR B 401 -25.57 -10.24 18.17
CA THR B 401 -24.15 -9.92 18.19
C THR B 401 -23.91 -8.43 18.04
N ALA B 402 -24.73 -7.73 17.26
CA ALA B 402 -24.58 -6.28 17.11
C ALA B 402 -24.82 -5.57 18.45
N LEU B 403 -25.88 -5.95 19.16
CA LEU B 403 -26.13 -5.36 20.48
C LEU B 403 -25.01 -5.71 21.46
N TYR B 404 -24.57 -6.96 21.44
CA TYR B 404 -23.44 -7.38 22.27
C TYR B 404 -22.21 -6.50 22.03
N GLU B 405 -21.83 -6.33 20.76
CA GLU B 405 -20.62 -5.60 20.42
C GLU B 405 -20.76 -4.10 20.65
N ALA B 406 -21.97 -3.55 20.53
CA ALA B 406 -22.18 -2.15 20.86
C ALA B 406 -22.11 -1.90 22.36
N VAL B 407 -22.61 -2.83 23.17
CA VAL B 407 -22.53 -2.68 24.61
C VAL B 407 -21.09 -2.87 25.09
N ALA B 408 -20.39 -3.87 24.56
CA ALA B 408 -19.09 -4.27 25.06
C ALA B 408 -18.00 -3.24 24.78
N ALA B 409 -18.05 -2.54 23.65
CA ALA B 409 -17.03 -1.54 23.35
C ALA B 409 -17.13 -0.34 24.28
N ILE B 410 -18.34 0.18 24.48
CA ILE B 410 -18.53 1.28 25.40
C ILE B 410 -18.29 0.84 26.85
N PHE B 411 -18.54 -0.43 27.17
CA PHE B 411 -18.18 -0.93 28.50
C PHE B 411 -16.67 -0.86 28.72
N ILE B 412 -15.89 -1.28 27.72
CA ILE B 412 -14.44 -1.20 27.83
C ILE B 412 -13.98 0.25 27.92
N ALA B 413 -14.60 1.13 27.14
CA ALA B 413 -14.27 2.55 27.24
C ALA B 413 -14.57 3.10 28.62
N GLN B 414 -15.70 2.71 29.22
CA GLN B 414 -16.05 3.18 30.56
C GLN B 414 -15.13 2.63 31.62
N MET B 415 -14.64 1.39 31.45
CA MET B 415 -13.68 0.85 32.42
C MET B 415 -12.38 1.62 32.43
N ASN B 416 -11.94 2.11 31.27
CA ASN B 416 -10.68 2.83 31.15
C ASN B 416 -10.82 4.31 31.48
N GLY B 417 -12.02 4.77 31.82
CA GLY B 417 -12.22 6.18 32.11
C GLY B 417 -12.43 7.05 30.89
N VAL B 418 -12.40 6.48 29.68
CA VAL B 418 -12.59 7.26 28.47
C VAL B 418 -14.07 7.59 28.30
N VAL B 419 -14.36 8.86 28.09
CA VAL B 419 -15.72 9.32 27.85
C VAL B 419 -15.83 9.62 26.37
N LEU B 420 -16.48 8.72 25.62
CA LEU B 420 -16.63 8.90 24.19
C LEU B 420 -17.57 10.07 23.90
N ASP B 421 -17.17 10.89 22.93
CA ASP B 421 -18.02 12.00 22.48
C ASP B 421 -19.02 11.49 21.45
N GLY B 422 -19.77 12.40 20.84
CA GLY B 422 -20.78 12.00 19.89
C GLY B 422 -20.25 11.52 18.56
N GLY B 423 -18.97 11.74 18.29
CA GLY B 423 -18.38 11.29 17.04
C GLY B 423 -17.93 9.86 17.07
N GLN B 424 -17.71 9.32 18.28
CA GLN B 424 -17.34 7.92 18.44
C GLN B 424 -18.51 7.02 18.83
N ILE B 425 -19.60 7.59 19.36
CA ILE B 425 -20.82 6.79 19.54
C ILE B 425 -21.35 6.32 18.21
N VAL B 426 -21.37 7.21 17.21
CA VAL B 426 -21.78 6.82 15.86
C VAL B 426 -20.81 5.80 15.28
N THR B 427 -19.51 5.96 15.53
CA THR B 427 -18.54 4.99 15.05
C THR B 427 -18.78 3.62 15.67
N VAL B 428 -19.10 3.58 16.96
CA VAL B 428 -19.43 2.30 17.61
C VAL B 428 -20.67 1.69 16.98
N SER B 429 -21.71 2.51 16.81
CA SER B 429 -22.96 2.01 16.25
C SER B 429 -22.81 1.49 14.82
N LEU B 430 -21.89 2.07 14.04
CA LEU B 430 -21.67 1.62 12.68
C LEU B 430 -20.75 0.40 12.61
N THR B 431 -19.64 0.43 13.35
CA THR B 431 -18.72 -0.69 13.36
C THR B 431 -19.33 -1.94 13.97
N ALA B 432 -20.22 -1.80 14.96
CA ALA B 432 -20.91 -2.98 15.48
C ALA B 432 -21.80 -3.60 14.42
N THR B 433 -22.49 -2.78 13.63
CA THR B 433 -23.32 -3.30 12.55
C THR B 433 -22.48 -4.01 11.50
N LEU B 434 -21.34 -3.41 11.12
CA LEU B 434 -20.48 -4.05 10.13
C LEU B 434 -19.85 -5.34 10.66
N ALA B 435 -19.46 -5.37 11.93
CA ALA B 435 -18.83 -6.54 12.52
C ALA B 435 -19.81 -7.65 12.82
N SER B 436 -21.09 -7.32 12.99
CA SER B 436 -22.12 -8.31 13.24
C SER B 436 -22.25 -9.24 12.02
N VAL B 437 -22.20 -8.65 10.82
CA VAL B 437 -22.30 -9.43 9.59
C VAL B 437 -21.08 -10.30 9.40
N GLY B 438 -19.90 -9.78 9.74
CA GLY B 438 -18.66 -10.51 9.52
C GLY B 438 -18.33 -11.52 10.61
N ALA B 439 -19.04 -11.46 11.73
CA ALA B 439 -18.83 -12.43 12.81
C ALA B 439 -19.24 -13.84 12.42
N ALA B 440 -20.31 -14.00 11.64
CA ALA B 440 -20.75 -15.32 11.21
C ALA B 440 -20.22 -15.70 9.83
N SER B 441 -19.91 -14.72 8.98
CA SER B 441 -19.40 -15.01 7.66
C SER B 441 -17.96 -15.52 7.70
N ILE B 442 -17.15 -15.01 8.62
CA ILE B 442 -15.75 -15.37 8.75
C ILE B 442 -15.63 -16.37 9.90
N PRO B 443 -15.21 -17.62 9.64
CA PRO B 443 -15.06 -18.57 10.73
C PRO B 443 -13.96 -18.16 11.70
N SER B 444 -14.16 -18.52 12.97
CA SER B 444 -13.21 -18.22 14.04
C SER B 444 -12.94 -16.72 14.15
N ALA B 445 -13.99 -15.91 13.96
CA ALA B 445 -13.90 -14.46 14.05
C ALA B 445 -14.91 -13.99 15.10
N GLY B 446 -14.50 -14.02 16.36
CA GLY B 446 -15.29 -13.48 17.44
C GLY B 446 -14.43 -12.62 18.35
N LEU B 447 -13.12 -12.71 18.15
CA LEU B 447 -12.15 -11.91 18.88
C LEU B 447 -11.50 -10.84 18.02
N VAL B 448 -11.51 -10.99 16.70
CA VAL B 448 -11.00 -9.96 15.81
C VAL B 448 -12.06 -8.89 15.54
N THR B 449 -13.34 -9.26 15.58
CA THR B 449 -14.39 -8.28 15.35
C THR B 449 -14.46 -7.26 16.48
N MET B 450 -14.18 -7.67 17.71
CA MET B 450 -14.14 -6.71 18.81
C MET B 450 -12.90 -5.83 18.72
N LEU B 451 -11.77 -6.40 18.29
CA LEU B 451 -10.58 -5.59 18.06
C LEU B 451 -10.83 -4.55 16.97
N LEU B 452 -11.63 -4.90 15.96
CA LEU B 452 -11.96 -3.93 14.91
C LEU B 452 -12.66 -2.71 15.51
N ILE B 453 -13.66 -2.92 16.37
CA ILE B 453 -14.36 -1.81 16.98
C ILE B 453 -13.45 -1.02 17.90
N LEU B 454 -12.65 -1.72 18.72
CA LEU B 454 -11.77 -1.05 19.67
C LEU B 454 -10.77 -0.17 18.95
N THR B 455 -10.18 -0.66 17.86
CA THR B 455 -9.25 0.17 17.08
C THR B 455 -9.98 1.23 16.26
N ALA B 456 -11.25 1.01 15.92
CA ALA B 456 -12.01 2.05 15.23
C ALA B 456 -12.22 3.25 16.14
N VAL B 457 -12.52 3.02 17.42
CA VAL B 457 -12.69 4.12 18.37
C VAL B 457 -11.44 4.39 19.19
N GLY B 458 -10.36 3.65 18.96
CA GLY B 458 -9.11 3.91 19.63
C GLY B 458 -9.13 3.63 21.12
N LEU B 459 -9.37 2.37 21.48
CA LEU B 459 -9.42 1.98 22.88
C LEU B 459 -8.34 0.94 23.17
N PRO B 460 -7.84 0.89 24.41
CA PRO B 460 -6.89 -0.17 24.79
C PRO B 460 -7.54 -1.54 24.66
N THR B 461 -6.77 -2.51 24.17
CA THR B 461 -7.28 -3.84 23.85
C THR B 461 -6.80 -4.91 24.83
N GLU B 462 -6.48 -4.53 26.06
CA GLU B 462 -6.13 -5.50 27.09
C GLU B 462 -7.30 -5.85 28.00
N ASP B 463 -8.37 -5.05 28.00
CA ASP B 463 -9.58 -5.37 28.75
C ASP B 463 -10.49 -6.33 28.00
N ILE B 464 -10.15 -6.68 26.76
CA ILE B 464 -10.93 -7.65 26.00
C ILE B 464 -10.79 -9.05 26.59
N SER B 465 -9.78 -9.29 27.42
CA SER B 465 -9.63 -10.60 28.04
C SER B 465 -10.79 -10.92 28.98
N LEU B 466 -11.26 -9.92 29.73
CA LEU B 466 -12.39 -10.14 30.62
C LEU B 466 -13.67 -10.46 29.87
N LEU B 467 -13.82 -9.93 28.64
CA LEU B 467 -15.00 -10.25 27.84
C LEU B 467 -15.05 -11.73 27.49
N VAL B 468 -13.92 -12.33 27.14
CA VAL B 468 -13.88 -13.73 26.78
C VAL B 468 -14.25 -14.63 27.95
N ALA B 469 -14.02 -14.17 29.19
CA ALA B 469 -14.31 -15.00 30.36
C ALA B 469 -15.80 -15.18 30.60
N VAL B 470 -16.65 -14.39 29.96
CA VAL B 470 -18.09 -14.42 30.20
C VAL B 470 -18.89 -14.63 28.92
N ASP B 471 -18.21 -14.88 27.81
CA ASP B 471 -18.88 -15.10 26.53
C ASP B 471 -19.72 -16.37 26.49
N TRP B 472 -19.29 -17.40 27.24
CA TRP B 472 -19.99 -18.67 27.28
C TRP B 472 -21.30 -18.58 28.05
N LEU B 473 -21.52 -17.49 28.79
CA LEU B 473 -22.80 -17.27 29.46
C LEU B 473 -23.77 -16.47 28.61
N LEU B 474 -23.30 -15.83 27.54
CA LEU B 474 -24.13 -14.92 26.76
C LEU B 474 -24.42 -15.40 25.35
N ASP B 475 -23.50 -16.17 24.73
CA ASP B 475 -23.71 -16.59 23.35
C ASP B 475 -24.92 -17.51 23.18
N ARG B 476 -25.21 -18.33 24.18
CA ARG B 476 -26.32 -19.28 24.08
C ARG B 476 -27.67 -18.60 23.93
N MET B 477 -27.78 -17.33 24.33
CA MET B 477 -29.02 -16.58 24.13
C MET B 477 -28.85 -15.39 23.21
N ARG B 478 -27.62 -15.06 22.80
CA ARG B 478 -27.45 -14.25 21.60
C ARG B 478 -27.93 -15.02 20.38
N THR B 479 -27.62 -16.32 20.32
CA THR B 479 -28.06 -17.15 19.21
C THR B 479 -29.58 -17.22 19.15
N SER B 480 -30.23 -17.27 20.31
CA SER B 480 -31.69 -17.30 20.35
C SER B 480 -32.28 -16.04 19.73
N VAL B 481 -31.72 -14.88 20.06
CA VAL B 481 -32.20 -13.63 19.51
C VAL B 481 -31.95 -13.59 18.00
N ASN B 482 -30.81 -14.11 17.56
CA ASN B 482 -30.53 -14.15 16.12
C ASN B 482 -31.55 -15.02 15.39
N VAL B 483 -31.89 -16.18 15.96
CA VAL B 483 -32.85 -17.07 15.31
C VAL B 483 -34.24 -16.45 15.30
N VAL B 484 -34.63 -15.79 16.40
CA VAL B 484 -35.94 -15.13 16.44
C VAL B 484 -36.01 -14.01 15.42
N GLY B 485 -34.93 -13.22 15.28
CA GLY B 485 -34.88 -12.20 14.25
C GLY B 485 -34.98 -12.75 12.84
N ASP B 486 -34.33 -13.89 12.57
CA ASP B 486 -34.49 -14.53 11.26
C ASP B 486 -35.93 -14.97 11.03
N SER B 487 -36.56 -15.56 12.04
CA SER B 487 -37.92 -16.07 11.89
C SER B 487 -38.90 -14.93 11.64
N PHE B 488 -38.76 -13.82 12.37
CA PHE B 488 -39.67 -12.69 12.14
C PHE B 488 -39.46 -12.08 10.76
N GLY B 489 -38.22 -12.03 10.29
CA GLY B 489 -37.98 -11.56 8.94
C GLY B 489 -38.64 -12.45 7.89
N ALA B 490 -38.53 -13.77 8.08
CA ALA B 490 -39.22 -14.70 7.19
C ALA B 490 -40.74 -14.54 7.26
N GLY B 491 -41.29 -14.21 8.42
CA GLY B 491 -42.72 -14.00 8.54
C GLY B 491 -43.19 -12.69 7.95
N ILE B 492 -42.31 -11.69 7.90
CA ILE B 492 -42.63 -10.38 7.36
C ILE B 492 -42.51 -10.36 5.84
N VAL B 493 -41.45 -10.97 5.29
CA VAL B 493 -41.29 -11.01 3.84
C VAL B 493 -42.43 -11.76 3.17
N TYR B 494 -43.05 -12.72 3.85
CA TYR B 494 -44.24 -13.40 3.34
C TYR B 494 -45.47 -12.51 3.36
N HIS B 495 -45.45 -11.42 4.14
CA HIS B 495 -46.54 -10.47 4.11
C HIS B 495 -46.28 -9.28 3.20
N LEU B 496 -45.03 -9.02 2.84
CA LEU B 496 -44.71 -8.02 1.83
C LEU B 496 -44.61 -8.60 0.43
N SER B 497 -44.79 -9.91 0.27
CA SER B 497 -44.70 -10.54 -1.05
C SER B 497 -45.76 -11.61 -1.26
N LYS B 498 -46.89 -11.52 -0.57
CA LYS B 498 -47.95 -12.51 -0.77
C LYS B 498 -48.61 -12.35 -2.13
N SER B 499 -48.95 -11.11 -2.50
CA SER B 499 -49.61 -10.85 -3.77
C SER B 499 -48.71 -11.19 -4.95
N GLU B 500 -47.41 -10.88 -4.85
CA GLU B 500 -46.49 -11.18 -5.93
C GLU B 500 -46.41 -12.69 -6.18
N LEU B 501 -46.32 -13.48 -5.11
CA LEU B 501 -46.30 -14.93 -5.25
C LEU B 501 -47.63 -15.45 -5.80
N ASP B 502 -48.75 -14.87 -5.34
CA ASP B 502 -50.05 -15.30 -5.84
C ASP B 502 -50.18 -15.04 -7.34
N THR B 503 -49.71 -13.89 -7.81
CA THR B 503 -49.77 -13.58 -9.23
C THR B 503 -48.79 -14.42 -10.04
N ILE B 504 -47.59 -14.68 -9.51
CA ILE B 504 -46.62 -15.49 -10.24
C ILE B 504 -47.02 -16.96 -10.27
N ASP B 505 -47.88 -17.40 -9.35
CA ASP B 505 -48.37 -18.78 -9.42
C ASP B 505 -49.33 -18.96 -10.59
N SER B 506 -50.12 -17.93 -10.90
CA SER B 506 -51.07 -18.01 -12.00
C SER B 506 -50.79 -16.92 -13.04
N LYS C 40 -31.24 23.16 -24.77
CA LYS C 40 -29.88 22.95 -24.31
C LYS C 40 -29.85 22.61 -22.83
N LEU C 41 -31.03 22.47 -22.22
CA LEU C 41 -31.16 22.12 -20.81
C LEU C 41 -31.28 20.62 -20.60
N GLY C 42 -31.26 19.82 -21.66
CA GLY C 42 -31.31 18.38 -21.54
C GLY C 42 -30.05 17.71 -22.02
N LYS C 43 -29.38 18.32 -22.99
CA LYS C 43 -28.12 17.81 -23.50
C LYS C 43 -26.96 18.44 -22.72
N ASN C 44 -26.01 17.60 -22.32
CA ASN C 44 -24.87 18.01 -21.51
C ASN C 44 -25.33 18.70 -20.23
N LEU C 45 -26.05 17.94 -19.40
CA LEU C 45 -26.58 18.47 -18.16
C LEU C 45 -25.56 18.35 -17.04
N LEU C 46 -24.36 18.85 -17.32
CA LEU C 46 -23.30 19.00 -16.34
C LEU C 46 -22.69 20.39 -16.37
N LEU C 47 -22.52 20.98 -17.56
CA LEU C 47 -22.04 22.35 -17.64
C LEU C 47 -23.13 23.34 -17.24
N THR C 48 -24.37 23.10 -17.67
CA THR C 48 -25.48 23.95 -17.25
C THR C 48 -25.69 23.86 -15.74
N LEU C 49 -25.61 22.65 -15.18
CA LEU C 49 -25.75 22.51 -13.74
C LEU C 49 -24.64 23.24 -12.99
N THR C 50 -23.40 23.14 -13.48
CA THR C 50 -22.30 23.83 -12.81
C THR C 50 -22.44 25.34 -12.92
N VAL C 51 -22.84 25.87 -14.07
CA VAL C 51 -22.99 27.32 -14.17
C VAL C 51 -24.17 27.81 -13.33
N PHE C 52 -25.26 27.05 -13.27
CA PHE C 52 -26.35 27.40 -12.37
C PHE C 52 -25.90 27.37 -10.91
N GLY C 53 -25.10 26.38 -10.53
CA GLY C 53 -24.56 26.36 -9.18
C GLY C 53 -23.67 27.55 -8.89
N VAL C 54 -22.82 27.91 -9.85
CA VAL C 54 -21.95 29.08 -9.67
C VAL C 54 -22.78 30.35 -9.50
N ILE C 55 -23.79 30.54 -10.34
CA ILE C 55 -24.63 31.73 -10.24
C ILE C 55 -25.37 31.75 -8.91
N LEU C 56 -25.94 30.61 -8.51
CA LEU C 56 -26.67 30.54 -7.25
C LEU C 56 -25.76 30.82 -6.06
N GLY C 57 -24.55 30.25 -6.06
CA GLY C 57 -23.61 30.53 -4.99
C GLY C 57 -23.19 31.98 -4.95
N ALA C 58 -22.97 32.59 -6.11
CA ALA C 58 -22.62 34.00 -6.15
C ALA C 58 -23.75 34.87 -5.59
N VAL C 59 -24.98 34.57 -5.98
CA VAL C 59 -26.13 35.34 -5.49
C VAL C 59 -26.27 35.18 -3.99
N CYS C 60 -26.15 33.94 -3.49
CA CYS C 60 -26.27 33.71 -2.05
C CYS C 60 -25.16 34.40 -1.28
N GLY C 61 -23.92 34.36 -1.78
CA GLY C 61 -22.84 35.06 -1.12
C GLY C 61 -23.01 36.56 -1.11
N GLY C 62 -23.49 37.12 -2.22
CA GLY C 62 -23.73 38.55 -2.27
C GLY C 62 -24.86 38.98 -1.33
N LEU C 63 -25.94 38.20 -1.29
CA LEU C 63 -27.08 38.55 -0.45
C LEU C 63 -26.84 38.26 1.03
N LEU C 64 -25.93 37.34 1.35
CA LEU C 64 -25.71 36.97 2.75
C LEU C 64 -24.58 37.76 3.41
N ARG C 65 -23.61 38.23 2.64
CA ARG C 65 -22.62 39.16 3.18
C ARG C 65 -23.20 40.55 3.40
N LEU C 66 -24.37 40.85 2.82
CA LEU C 66 -25.03 42.13 3.02
C LEU C 66 -25.70 42.23 4.39
N ALA C 67 -26.01 41.09 5.02
CA ALA C 67 -26.78 41.11 6.25
C ALA C 67 -25.95 41.60 7.43
N SER C 68 -24.88 40.88 7.76
CA SER C 68 -24.08 41.19 8.95
C SER C 68 -22.76 40.44 8.82
N PRO C 69 -21.76 40.82 9.65
CA PRO C 69 -20.54 40.01 9.70
C PRO C 69 -20.84 38.58 10.14
N ILE C 70 -20.60 37.63 9.24
CA ILE C 70 -21.04 36.26 9.43
C ILE C 70 -20.06 35.52 10.33
N HIS C 71 -20.59 34.71 11.24
CA HIS C 71 -19.75 33.99 12.19
C HIS C 71 -18.87 32.97 11.45
N PRO C 72 -17.61 32.81 11.86
CA PRO C 72 -16.74 31.85 11.18
C PRO C 72 -17.24 30.41 11.24
N ASP C 73 -17.89 30.00 12.33
CA ASP C 73 -18.34 28.62 12.45
C ASP C 73 -19.41 28.30 11.41
N VAL C 74 -20.38 29.20 11.23
CA VAL C 74 -21.40 28.96 10.22
C VAL C 74 -20.85 29.13 8.81
N VAL C 75 -19.79 29.93 8.62
CA VAL C 75 -19.11 29.97 7.33
C VAL C 75 -18.50 28.61 7.01
N MET C 76 -17.81 28.01 7.99
CA MET C 76 -17.25 26.68 7.79
C MET C 76 -18.34 25.66 7.54
N LEU C 77 -19.46 25.75 8.26
CA LEU C 77 -20.59 24.86 8.02
C LEU C 77 -21.14 25.02 6.60
N ILE C 78 -21.22 26.24 6.10
CA ILE C 78 -21.70 26.49 4.75
C ILE C 78 -20.74 25.88 3.72
N ALA C 79 -19.43 26.08 3.93
CA ALA C 79 -18.44 25.62 2.96
C ALA C 79 -18.08 24.15 3.11
N PHE C 80 -18.62 23.47 4.13
CA PHE C 80 -18.29 22.06 4.33
C PHE C 80 -18.58 21.16 3.14
N PRO C 81 -19.70 21.27 2.41
CA PRO C 81 -19.90 20.40 1.24
C PRO C 81 -18.82 20.51 0.19
N GLY C 82 -18.28 21.71 -0.05
CA GLY C 82 -17.17 21.84 -0.98
C GLY C 82 -15.91 21.15 -0.48
N ASP C 83 -15.63 21.25 0.83
CA ASP C 83 -14.51 20.52 1.40
C ASP C 83 -14.69 19.02 1.24
N ILE C 84 -15.91 18.53 1.42
CA ILE C 84 -16.19 17.12 1.21
C ILE C 84 -15.94 16.73 -0.23
N LEU C 85 -16.37 17.57 -1.18
CA LEU C 85 -16.15 17.29 -2.59
C LEU C 85 -14.67 17.20 -2.92
N MET C 86 -13.88 18.14 -2.40
CA MET C 86 -12.45 18.12 -2.73
C MET C 86 -11.70 17.01 -2.01
N ARG C 87 -12.17 16.62 -0.81
CA ARG C 87 -11.62 15.42 -0.18
C ARG C 87 -11.91 14.19 -1.02
N MET C 88 -13.13 14.06 -1.53
CA MET C 88 -13.48 12.94 -2.39
C MET C 88 -12.65 12.93 -3.67
N LEU C 89 -12.42 14.10 -4.27
CA LEU C 89 -11.61 14.17 -5.48
C LEU C 89 -10.14 13.85 -5.22
N LYS C 90 -9.59 14.32 -4.09
CA LYS C 90 -8.20 14.03 -3.76
C LYS C 90 -8.00 12.58 -3.34
N MET C 91 -9.06 11.91 -2.87
CA MET C 91 -8.96 10.51 -2.51
C MET C 91 -8.61 9.62 -3.71
N LEU C 92 -8.85 10.10 -4.93
CA LEU C 92 -8.71 9.27 -6.13
C LEU C 92 -7.47 9.59 -6.95
N ILE C 93 -6.66 10.58 -6.55
CA ILE C 93 -5.51 10.95 -7.37
C ILE C 93 -4.47 9.83 -7.47
N LEU C 94 -4.11 9.20 -6.36
CA LEU C 94 -3.08 8.17 -6.38
C LEU C 94 -3.50 6.94 -7.20
N PRO C 95 -4.67 6.34 -6.95
CA PRO C 95 -5.10 5.23 -7.82
C PRO C 95 -5.26 5.63 -9.27
N LEU C 96 -5.73 6.85 -9.54
CA LEU C 96 -5.84 7.30 -10.93
C LEU C 96 -4.49 7.34 -11.61
N ILE C 97 -3.48 7.90 -10.93
CA ILE C 97 -2.14 7.98 -11.51
C ILE C 97 -1.58 6.58 -11.74
N ILE C 98 -1.69 5.71 -10.73
CA ILE C 98 -1.12 4.38 -10.83
C ILE C 98 -1.76 3.60 -11.96
N SER C 99 -3.09 3.67 -12.07
CA SER C 99 -3.78 2.96 -13.15
C SER C 99 -3.46 3.55 -14.51
N SER C 100 -3.49 4.88 -14.63
CA SER C 100 -3.37 5.51 -15.94
C SER C 100 -1.98 5.37 -16.52
N LEU C 101 -0.93 5.56 -15.70
CA LEU C 101 0.43 5.42 -16.23
C LEU C 101 0.67 3.99 -16.72
N ILE C 102 0.28 3.00 -15.94
CA ILE C 102 0.49 1.61 -16.30
C ILE C 102 -0.32 1.24 -17.54
N THR C 103 -1.57 1.69 -17.62
CA THR C 103 -2.40 1.36 -18.76
C THR C 103 -1.90 2.03 -20.04
N GLY C 104 -1.60 3.33 -19.97
CA GLY C 104 -1.13 4.06 -21.14
C GLY C 104 0.22 3.62 -21.65
N LEU C 105 1.18 3.42 -20.74
CA LEU C 105 2.52 3.03 -21.17
C LEU C 105 2.60 1.60 -21.66
N SER C 106 1.56 0.80 -21.44
CA SER C 106 1.50 -0.56 -22.00
C SER C 106 0.87 -0.59 -23.39
N GLY C 107 0.37 0.54 -23.87
CA GLY C 107 -0.24 0.60 -25.19
C GLY C 107 0.66 1.20 -26.24
N LEU C 108 1.94 1.33 -25.93
CA LEU C 108 2.93 1.85 -26.88
C LEU C 108 3.35 0.72 -27.82
N ASP C 109 3.16 0.93 -29.12
CA ASP C 109 3.47 -0.06 -30.14
C ASP C 109 4.52 0.49 -31.08
N ALA C 110 5.50 -0.35 -31.42
CA ALA C 110 6.52 0.02 -32.40
C ALA C 110 6.01 -0.05 -33.82
N LYS C 111 4.82 -0.59 -34.05
CA LYS C 111 4.23 -0.70 -35.38
C LYS C 111 3.29 0.46 -35.69
N ALA C 112 3.39 1.57 -34.97
CA ALA C 112 2.53 2.73 -35.18
C ALA C 112 2.99 3.49 -36.43
N SER C 113 2.71 2.86 -37.58
CA SER C 113 3.07 3.41 -38.89
C SER C 113 4.57 3.70 -38.99
N GLY C 114 5.38 2.87 -38.37
CA GLY C 114 6.83 3.08 -38.40
C GLY C 114 7.21 4.31 -37.62
N ARG C 115 8.06 5.15 -38.20
CA ARG C 115 8.50 6.37 -37.54
C ARG C 115 7.38 7.41 -37.44
N LEU C 116 6.34 7.28 -38.27
CA LEU C 116 5.26 8.25 -38.28
C LEU C 116 4.70 8.48 -36.88
N GLY C 117 4.66 7.45 -36.06
CA GLY C 117 4.29 7.59 -34.67
C GLY C 117 5.29 8.41 -33.87
N THR C 118 6.53 7.91 -33.80
CA THR C 118 7.47 8.49 -32.84
C THR C 118 7.75 9.96 -33.12
N ARG C 119 7.94 10.32 -34.39
CA ARG C 119 8.10 11.73 -34.74
C ARG C 119 6.95 12.56 -34.15
N ALA C 120 5.71 12.12 -34.39
CA ALA C 120 4.57 12.83 -33.84
C ALA C 120 4.67 12.94 -32.34
N MET C 121 5.06 11.85 -31.67
CA MET C 121 5.23 11.91 -30.22
C MET C 121 6.28 12.94 -29.85
N VAL C 122 7.40 12.96 -30.57
CA VAL C 122 8.44 13.95 -30.29
C VAL C 122 7.88 15.36 -30.46
N TYR C 123 6.95 15.54 -31.40
CA TYR C 123 6.28 16.82 -31.51
C TYR C 123 5.32 17.03 -30.33
N TYR C 124 4.52 16.01 -30.01
CA TYR C 124 3.43 16.19 -29.07
C TYR C 124 3.93 16.60 -27.69
N MET C 125 5.00 15.97 -27.22
CA MET C 125 5.57 16.32 -25.92
C MET C 125 6.49 17.52 -25.99
N SER C 126 6.85 18.00 -27.18
CA SER C 126 7.73 19.16 -27.24
C SER C 126 6.95 20.46 -27.04
N THR C 127 6.06 20.77 -27.99
CA THR C 127 5.34 22.03 -27.96
C THR C 127 4.58 22.20 -26.65
N THR C 128 3.89 21.14 -26.21
CA THR C 128 3.19 21.19 -24.94
C THR C 128 4.09 21.68 -23.83
N ILE C 129 5.28 21.06 -23.69
CA ILE C 129 6.21 21.49 -22.65
C ILE C 129 6.50 22.98 -22.80
N ILE C 130 6.82 23.40 -24.03
CA ILE C 130 7.11 24.81 -24.27
C ILE C 130 5.95 25.66 -23.78
N ALA C 131 4.72 25.28 -24.15
CA ALA C 131 3.55 26.02 -23.71
C ALA C 131 3.56 26.18 -22.20
N ALA C 132 3.71 25.06 -21.48
CA ALA C 132 3.71 25.14 -20.02
C ALA C 132 4.77 26.13 -19.55
N VAL C 133 6.00 25.99 -20.06
CA VAL C 133 7.06 26.89 -19.64
C VAL C 133 6.68 28.33 -19.94
N LEU C 134 6.16 28.58 -21.15
CA LEU C 134 5.76 29.94 -21.50
C LEU C 134 4.75 30.46 -20.51
N GLY C 135 3.75 29.63 -20.17
CA GLY C 135 2.75 30.07 -19.21
C GLY C 135 3.40 30.50 -17.91
N VAL C 136 4.34 29.69 -17.41
CA VAL C 136 5.02 30.03 -16.16
C VAL C 136 5.65 31.41 -16.29
N ILE C 137 6.38 31.64 -17.38
CA ILE C 137 7.06 32.93 -17.54
C ILE C 137 6.03 34.04 -17.42
N LEU C 138 4.91 33.92 -18.12
CA LEU C 138 3.93 35.00 -18.11
C LEU C 138 3.34 35.20 -16.73
N VAL C 139 3.06 34.12 -16.00
CA VAL C 139 2.46 34.31 -14.67
C VAL C 139 3.49 34.84 -13.69
N LEU C 140 4.78 34.76 -14.03
CA LEU C 140 5.81 35.39 -13.22
C LEU C 140 6.16 36.78 -13.71
N ALA C 141 5.57 37.22 -14.83
CA ALA C 141 5.81 38.56 -15.36
C ALA C 141 4.62 39.49 -15.15
N ILE C 142 3.42 39.03 -15.52
CA ILE C 142 2.22 39.82 -15.26
C ILE C 142 1.95 39.92 -13.77
N HIS C 143 2.20 38.84 -13.02
CA HIS C 143 1.99 38.75 -11.58
C HIS C 143 0.55 39.09 -11.21
N PRO C 144 -0.43 38.29 -11.63
CA PRO C 144 -1.81 38.52 -11.20
C PRO C 144 -2.03 38.04 -9.78
N GLY C 145 -2.80 38.80 -9.02
CA GLY C 145 -3.00 38.47 -7.62
C GLY C 145 -1.86 38.93 -6.74
N ASN C 146 -1.62 40.23 -6.71
CA ASN C 146 -0.57 40.82 -5.89
C ASN C 146 -0.85 40.60 -4.41
N VAL C 162 15.53 28.96 2.27
CA VAL C 162 16.31 27.91 1.63
C VAL C 162 16.97 28.44 0.36
N SER C 163 18.12 27.86 0.00
CA SER C 163 18.84 28.29 -1.18
C SER C 163 18.22 27.68 -2.44
N SER C 164 18.65 28.18 -3.60
CA SER C 164 18.20 27.60 -4.86
C SER C 164 18.84 26.24 -5.10
N LEU C 165 20.13 26.10 -4.77
CA LEU C 165 20.82 24.83 -4.92
C LEU C 165 20.17 23.75 -4.06
N ASP C 166 19.81 24.09 -2.82
CA ASP C 166 19.13 23.13 -1.96
C ASP C 166 17.76 22.78 -2.48
N ALA C 167 17.04 23.75 -3.08
CA ALA C 167 15.74 23.44 -3.67
C ALA C 167 15.87 22.47 -4.83
N PHE C 168 16.86 22.68 -5.71
CA PHE C 168 17.06 21.76 -6.82
C PHE C 168 17.52 20.39 -6.34
N LEU C 169 18.37 20.34 -5.31
CA LEU C 169 18.78 19.06 -4.75
C LEU C 169 17.60 18.32 -4.14
N ASP C 170 16.70 19.03 -3.45
CA ASP C 170 15.49 18.42 -2.92
C ASP C 170 14.60 17.90 -4.04
N LEU C 171 14.47 18.66 -5.13
CA LEU C 171 13.71 18.16 -6.27
C LEU C 171 14.30 16.87 -6.81
N ILE C 172 15.61 16.84 -7.03
CA ILE C 172 16.25 15.64 -7.56
C ILE C 172 16.10 14.47 -6.58
N ARG C 173 16.19 14.74 -5.28
CA ARG C 173 15.96 13.68 -4.29
C ARG C 173 14.54 13.16 -4.36
N ASN C 174 13.56 14.04 -4.56
CA ASN C 174 12.17 13.63 -4.63
C ASN C 174 11.82 12.87 -5.89
N LEU C 175 12.56 13.08 -6.99
CA LEU C 175 12.36 12.22 -8.15
C LEU C 175 12.77 10.78 -7.88
N PHE C 176 13.59 10.54 -6.86
CA PHE C 176 14.05 9.19 -6.51
C PHE C 176 13.77 8.95 -5.03
N PRO C 177 12.54 8.60 -4.66
CA PRO C 177 12.23 8.33 -3.26
C PRO C 177 12.87 7.04 -2.76
N GLU C 178 13.09 7.00 -1.45
CA GLU C 178 13.65 5.81 -0.82
C GLU C 178 12.60 4.80 -0.39
N ASN C 179 11.37 5.25 -0.13
CA ASN C 179 10.28 4.36 0.26
C ASN C 179 9.08 4.64 -0.61
N LEU C 180 8.49 3.60 -1.19
CA LEU C 180 7.34 3.77 -2.06
C LEU C 180 6.06 4.03 -1.27
N VAL C 181 5.89 3.38 -0.12
CA VAL C 181 4.71 3.64 0.71
C VAL C 181 4.79 5.03 1.32
N GLN C 182 5.99 5.44 1.75
CA GLN C 182 6.16 6.77 2.32
C GLN C 182 6.05 7.86 1.25
N ALA C 183 6.32 7.53 -0.01
CA ALA C 183 6.16 8.52 -1.08
C ALA C 183 4.71 8.89 -1.32
N CYS C 184 3.77 8.05 -0.88
CA CYS C 184 2.36 8.32 -1.11
C CYS C 184 1.82 9.43 -0.21
N PHE C 185 2.48 9.72 0.91
CA PHE C 185 1.96 10.71 1.84
C PHE C 185 3.03 11.61 2.47
N GLN C 186 4.26 11.59 1.99
CA GLN C 186 5.32 12.39 2.59
C GLN C 186 6.34 12.79 1.52
N GLN C 187 7.13 13.81 1.86
CA GLN C 187 8.15 14.34 0.97
C GLN C 187 9.36 14.68 1.84
N ILE C 188 10.46 15.06 1.19
CA ILE C 188 11.69 15.36 1.91
C ILE C 188 12.08 16.82 1.66
N GLN C 189 12.81 17.40 2.61
CA GLN C 189 13.27 18.76 2.47
C GLN C 189 14.51 18.96 3.34
N THR C 190 15.30 19.98 3.00
CA THR C 190 16.51 20.31 3.76
C THR C 190 16.21 21.45 4.72
N VAL C 191 16.12 21.12 6.00
CA VAL C 191 16.04 22.14 7.05
C VAL C 191 17.45 22.62 7.37
N THR C 192 17.55 23.69 8.14
CA THR C 192 18.86 24.25 8.50
C THR C 192 18.86 24.55 9.99
N LYS C 193 20.07 24.56 10.55
CA LYS C 193 20.25 24.81 11.98
C LYS C 193 19.87 26.25 12.33
N LYS C 231 25.28 19.24 9.39
CA LYS C 231 24.76 20.51 9.85
C LYS C 231 23.37 20.78 9.30
N LYS C 232 23.23 20.68 7.97
CA LYS C 232 21.95 20.93 7.32
C LYS C 232 20.89 19.94 7.76
N GLY C 233 21.08 18.66 7.43
CA GLY C 233 20.12 17.64 7.77
C GLY C 233 18.96 17.58 6.78
N LEU C 234 18.30 16.42 6.77
CA LEU C 234 17.15 16.17 5.90
C LEU C 234 15.98 15.77 6.77
N GLU C 235 14.82 16.39 6.54
CA GLU C 235 13.63 16.14 7.34
C GLU C 235 12.44 15.87 6.42
N PHE C 236 11.55 14.98 6.88
CA PHE C 236 10.37 14.60 6.11
C PHE C 236 9.22 15.56 6.41
N LYS C 237 8.69 16.18 5.37
CA LYS C 237 7.52 17.03 5.45
C LYS C 237 6.30 16.28 4.93
N ASP C 238 5.12 16.82 5.25
CA ASP C 238 3.87 16.23 4.82
C ASP C 238 3.54 16.68 3.40
N GLY C 239 2.84 15.81 2.66
CA GLY C 239 2.50 16.08 1.29
C GLY C 239 2.88 14.95 0.36
N MET C 240 1.96 14.54 -0.50
CA MET C 240 2.20 13.39 -1.38
C MET C 240 3.31 13.70 -2.38
N ASN C 241 4.20 12.73 -2.58
CA ASN C 241 5.30 12.87 -3.52
C ASN C 241 4.82 12.45 -4.90
N VAL C 242 4.30 13.41 -5.67
CA VAL C 242 3.72 13.09 -6.97
C VAL C 242 4.81 12.72 -7.97
N LEU C 243 5.91 13.49 -8.01
CA LEU C 243 6.93 13.26 -9.02
C LEU C 243 7.64 11.93 -8.84
N GLY C 244 7.95 11.55 -7.59
CA GLY C 244 8.61 10.27 -7.37
C GLY C 244 7.74 9.09 -7.77
N LEU C 245 6.46 9.12 -7.39
CA LEU C 245 5.54 8.06 -7.79
C LEU C 245 5.38 8.00 -9.30
N ILE C 246 5.28 9.17 -9.94
CA ILE C 246 5.12 9.21 -11.39
C ILE C 246 6.35 8.62 -12.08
N GLY C 247 7.55 8.99 -11.61
CA GLY C 247 8.75 8.43 -12.21
C GLY C 247 8.87 6.93 -12.01
N PHE C 248 8.60 6.46 -10.78
CA PHE C 248 8.70 5.02 -10.53
C PHE C 248 7.71 4.25 -11.38
N PHE C 249 6.47 4.73 -11.51
CA PHE C 249 5.50 4.00 -12.29
C PHE C 249 5.68 4.16 -13.78
N ILE C 250 6.33 5.24 -14.23
CA ILE C 250 6.76 5.32 -15.63
C ILE C 250 7.78 4.24 -15.92
N ALA C 251 8.76 4.08 -15.02
CA ALA C 251 9.74 3.01 -15.19
C ALA C 251 9.06 1.64 -15.13
N PHE C 252 8.09 1.48 -14.22
CA PHE C 252 7.36 0.23 -14.10
C PHE C 252 6.62 -0.12 -15.38
N GLY C 253 5.89 0.85 -15.94
CA GLY C 253 5.17 0.60 -17.17
C GLY C 253 6.08 0.34 -18.36
N ILE C 254 7.20 1.06 -18.44
CA ILE C 254 8.15 0.81 -19.52
C ILE C 254 8.74 -0.58 -19.42
N ALA C 255 9.13 -1.00 -18.21
CA ALA C 255 9.70 -2.33 -18.03
C ALA C 255 8.68 -3.44 -18.27
N MET C 256 7.42 -3.20 -17.89
CA MET C 256 6.38 -4.20 -18.08
C MET C 256 5.94 -4.31 -19.53
N GLY C 257 5.96 -3.20 -20.27
CA GLY C 257 5.63 -3.25 -21.69
C GLY C 257 6.63 -4.02 -22.52
N LYS C 258 7.87 -4.14 -22.03
CA LYS C 258 8.90 -4.92 -22.72
C LYS C 258 8.82 -6.41 -22.41
N MET C 259 8.04 -6.82 -21.41
CA MET C 259 7.88 -8.23 -21.14
C MET C 259 7.09 -8.93 -22.25
N GLY C 260 6.13 -8.22 -22.84
CA GLY C 260 5.40 -8.77 -23.97
C GLY C 260 4.12 -9.43 -23.51
N ASP C 261 3.85 -10.62 -24.05
CA ASP C 261 2.65 -11.37 -23.72
C ASP C 261 2.78 -12.06 -22.37
N GLN C 262 4.00 -12.21 -21.85
CA GLN C 262 4.19 -12.86 -20.56
C GLN C 262 3.50 -12.10 -19.44
N ALA C 263 3.60 -10.76 -19.46
CA ALA C 263 2.93 -9.93 -18.45
C ALA C 263 1.55 -9.49 -18.93
N LYS C 264 0.73 -10.44 -19.38
CA LYS C 264 -0.61 -10.12 -19.84
C LYS C 264 -1.64 -10.11 -18.71
N LEU C 265 -1.44 -10.95 -17.69
CA LEU C 265 -2.35 -10.98 -16.56
C LEU C 265 -2.32 -9.70 -15.76
N MET C 266 -1.18 -9.00 -15.72
CA MET C 266 -1.08 -7.78 -14.95
C MET C 266 -1.57 -6.55 -15.71
N VAL C 267 -1.23 -6.43 -16.99
CA VAL C 267 -1.74 -5.31 -17.78
C VAL C 267 -3.25 -5.29 -17.79
N ASP C 268 -3.89 -6.45 -17.92
CA ASP C 268 -5.35 -6.51 -17.78
C ASP C 268 -5.79 -6.10 -16.39
N PHE C 269 -5.10 -6.58 -15.34
CA PHE C 269 -5.51 -6.30 -13.98
C PHE C 269 -5.64 -4.80 -13.75
N PHE C 270 -4.52 -4.08 -13.83
CA PHE C 270 -4.57 -2.63 -13.74
C PHE C 270 -5.56 -2.03 -14.74
N ASN C 271 -5.65 -2.62 -15.94
CA ASN C 271 -6.62 -2.12 -16.92
C ASN C 271 -8.01 -2.08 -16.30
N ILE C 272 -8.45 -3.19 -15.71
CA ILE C 272 -9.76 -3.21 -15.07
C ILE C 272 -9.86 -2.11 -14.03
N LEU C 273 -8.84 -2.00 -13.18
CA LEU C 273 -8.85 -0.99 -12.12
C LEU C 273 -9.14 0.37 -12.69
N ASN C 274 -8.57 0.67 -13.87
CA ASN C 274 -8.76 1.98 -14.47
C ASN C 274 -10.25 2.32 -14.58
N GLU C 275 -11.03 1.45 -15.23
CA GLU C 275 -12.45 1.77 -15.39
C GLU C 275 -13.09 1.99 -14.04
N ILE C 276 -12.77 1.14 -13.06
CA ILE C 276 -13.35 1.29 -11.73
C ILE C 276 -13.13 2.71 -11.24
N VAL C 277 -11.87 3.16 -11.20
CA VAL C 277 -11.63 4.48 -10.65
C VAL C 277 -12.25 5.52 -11.55
N MET C 278 -12.22 5.31 -12.87
CA MET C 278 -12.87 6.26 -13.76
C MET C 278 -14.35 6.35 -13.47
N LYS C 279 -15.00 5.20 -13.22
CA LYS C 279 -16.41 5.24 -12.85
C LYS C 279 -16.62 6.12 -11.62
N LEU C 280 -15.73 5.99 -10.64
CA LEU C 280 -15.83 6.82 -9.45
C LEU C 280 -15.76 8.29 -9.81
N VAL C 281 -14.82 8.65 -10.70
CA VAL C 281 -14.69 10.04 -11.12
C VAL C 281 -15.96 10.52 -11.80
N ILE C 282 -16.69 9.62 -12.47
CA ILE C 282 -17.96 10.02 -13.06
C ILE C 282 -19.00 10.33 -11.99
N MET C 283 -19.03 9.57 -10.90
CA MET C 283 -20.05 9.79 -9.88
C MET C 283 -19.78 11.06 -9.09
N ILE C 284 -18.52 11.27 -8.68
CA ILE C 284 -18.18 12.41 -7.83
C ILE C 284 -18.49 13.72 -8.54
N MET C 285 -18.18 13.79 -9.84
CA MET C 285 -18.43 15.00 -10.60
C MET C 285 -19.92 15.28 -10.78
N TRP C 286 -20.79 14.32 -10.48
CA TRP C 286 -22.22 14.60 -10.44
C TRP C 286 -22.61 15.35 -9.17
N TYR C 287 -21.87 15.13 -8.08
CA TYR C 287 -22.10 15.88 -6.85
C TYR C 287 -21.46 17.26 -6.90
N SER C 288 -20.59 17.49 -7.89
CA SER C 288 -19.84 18.73 -8.05
C SER C 288 -20.70 19.98 -8.11
N PRO C 289 -21.81 20.00 -8.86
CA PRO C 289 -22.62 21.23 -8.91
C PRO C 289 -23.10 21.71 -7.55
N LEU C 290 -23.46 20.81 -6.64
CA LEU C 290 -23.89 21.20 -5.30
C LEU C 290 -22.73 21.61 -4.40
N GLY C 291 -21.56 21.00 -4.56
CA GLY C 291 -20.42 21.33 -3.74
C GLY C 291 -19.76 22.63 -4.13
N ILE C 292 -19.48 22.77 -5.43
CA ILE C 292 -18.76 23.94 -5.93
C ILE C 292 -19.46 25.22 -5.50
N ALA C 293 -20.79 25.28 -5.69
CA ALA C 293 -21.56 26.44 -5.28
C ALA C 293 -21.25 26.82 -3.84
N CYS C 294 -21.32 25.85 -2.93
CA CYS C 294 -21.04 26.14 -1.53
C CYS C 294 -19.67 26.80 -1.37
N LEU C 295 -18.64 26.25 -2.02
CA LEU C 295 -17.31 26.83 -1.91
C LEU C 295 -17.32 28.27 -2.41
N ILE C 296 -17.99 28.53 -3.52
CA ILE C 296 -18.06 29.90 -4.04
C ILE C 296 -18.70 30.80 -2.99
N CYS C 297 -19.77 30.34 -2.34
CA CYS C 297 -20.36 31.11 -1.26
C CYS C 297 -19.34 31.35 -0.16
N GLY C 298 -18.61 30.31 0.23
CA GLY C 298 -17.57 30.47 1.23
C GLY C 298 -16.46 31.40 0.80
N LYS C 299 -16.31 31.62 -0.51
CA LYS C 299 -15.29 32.55 -0.97
C LYS C 299 -15.81 33.98 -1.02
N ILE C 300 -17.14 34.14 -1.03
CA ILE C 300 -17.69 35.49 -1.15
C ILE C 300 -18.02 36.06 0.22
N ILE C 301 -18.43 35.21 1.16
CA ILE C 301 -18.79 35.67 2.51
C ILE C 301 -17.59 36.27 3.21
N ALA C 302 -16.43 35.60 3.11
CA ALA C 302 -15.26 36.00 3.88
C ALA C 302 -14.10 36.39 2.97
N ILE C 303 -14.38 37.18 1.93
CA ILE C 303 -13.33 37.66 1.05
C ILE C 303 -12.72 38.97 1.53
N LYS C 304 -13.45 39.76 2.33
CA LYS C 304 -12.96 40.98 2.98
C LYS C 304 -12.77 42.10 1.97
N ASP C 305 -12.91 41.80 0.68
CA ASP C 305 -12.80 42.80 -0.38
C ASP C 305 -13.31 42.25 -1.71
N LEU C 306 -14.26 42.94 -2.33
CA LEU C 306 -14.83 42.49 -3.59
C LEU C 306 -14.26 43.21 -4.81
N GLU C 307 -13.72 44.42 -4.64
CA GLU C 307 -13.21 45.20 -5.75
C GLU C 307 -11.82 44.77 -6.18
N VAL C 308 -11.02 44.21 -5.28
CA VAL C 308 -9.66 43.79 -5.62
C VAL C 308 -9.61 42.34 -6.10
N VAL C 309 -10.49 41.47 -5.61
CA VAL C 309 -10.49 40.09 -6.07
C VAL C 309 -10.99 40.00 -7.51
N ALA C 310 -11.95 40.85 -7.88
CA ALA C 310 -12.42 40.89 -9.27
C ALA C 310 -11.37 41.47 -10.21
N ARG C 311 -10.46 42.30 -9.71
CA ARG C 311 -9.34 42.77 -10.52
C ARG C 311 -8.31 41.68 -10.74
N GLN C 312 -8.05 40.88 -9.70
CA GLN C 312 -7.15 39.74 -9.84
C GLN C 312 -7.72 38.70 -10.81
N LEU C 313 -9.03 38.40 -10.69
CA LEU C 313 -9.65 37.45 -11.59
C LEU C 313 -9.76 37.98 -13.02
N GLY C 314 -9.60 39.28 -13.23
CA GLY C 314 -9.56 39.83 -14.57
C GLY C 314 -8.16 39.79 -15.13
N MET C 315 -7.17 40.11 -14.29
CA MET C 315 -5.78 40.06 -14.75
C MET C 315 -5.34 38.62 -15.03
N TYR C 316 -5.87 37.65 -14.28
CA TYR C 316 -5.58 36.25 -14.57
C TYR C 316 -6.13 35.84 -15.93
N MET C 317 -7.36 36.26 -16.24
CA MET C 317 -7.88 36.00 -17.57
C MET C 317 -7.05 36.70 -18.65
N VAL C 318 -6.62 37.94 -18.38
CA VAL C 318 -5.81 38.67 -19.35
C VAL C 318 -4.51 37.93 -19.63
N THR C 319 -3.83 37.45 -18.59
CA THR C 319 -2.56 36.76 -18.83
C THR C 319 -2.78 35.40 -19.50
N VAL C 320 -3.87 34.70 -19.18
CA VAL C 320 -4.16 33.45 -19.88
C VAL C 320 -4.39 33.70 -21.37
N ILE C 321 -5.19 34.73 -21.69
CA ILE C 321 -5.43 35.09 -23.08
C ILE C 321 -4.14 35.47 -23.79
N ILE C 322 -3.32 36.31 -23.15
CA ILE C 322 -2.06 36.75 -23.75
C ILE C 322 -1.16 35.55 -24.02
N GLY C 323 -1.11 34.60 -23.08
CA GLY C 323 -0.35 33.39 -23.29
C GLY C 323 -0.86 32.59 -24.47
N LEU C 324 -2.18 32.48 -24.61
CA LEU C 324 -2.75 31.74 -25.74
C LEU C 324 -2.33 32.36 -27.08
N ILE C 325 -2.52 33.68 -27.23
CA ILE C 325 -2.10 34.31 -28.48
C ILE C 325 -0.61 34.20 -28.71
N ILE C 326 0.22 34.48 -27.69
CA ILE C 326 1.66 34.35 -27.88
C ILE C 326 1.98 32.95 -28.37
N HIS C 327 1.66 31.93 -27.57
CA HIS C 327 2.00 30.57 -27.93
C HIS C 327 1.54 30.26 -29.35
N GLY C 328 0.24 30.28 -29.60
CA GLY C 328 -0.24 29.94 -30.92
C GLY C 328 0.40 30.77 -32.01
N GLY C 329 0.01 32.05 -32.08
CA GLY C 329 0.37 32.92 -33.18
C GLY C 329 1.86 33.09 -33.43
N ILE C 330 2.67 33.24 -32.37
CA ILE C 330 4.10 33.40 -32.59
C ILE C 330 4.76 32.05 -32.74
N PHE C 331 4.65 31.20 -31.71
CA PHE C 331 5.49 30.01 -31.67
C PHE C 331 5.13 29.01 -32.76
N LEU C 332 3.82 28.69 -32.93
CA LEU C 332 3.48 27.58 -33.82
C LEU C 332 3.89 27.86 -35.26
N PRO C 333 3.58 29.02 -35.85
CA PRO C 333 4.17 29.33 -37.16
C PRO C 333 5.68 29.36 -37.15
N LEU C 334 6.31 29.81 -36.06
CA LEU C 334 7.76 29.88 -36.02
C LEU C 334 8.39 28.49 -35.97
N ILE C 335 7.80 27.59 -35.18
CA ILE C 335 8.29 26.21 -35.10
C ILE C 335 8.05 25.54 -36.44
N TYR C 336 6.95 25.89 -37.11
CA TYR C 336 6.64 25.34 -38.42
C TYR C 336 7.64 25.81 -39.49
N PHE C 337 8.05 27.09 -39.43
CA PHE C 337 8.90 27.65 -40.47
C PHE C 337 10.34 27.15 -40.37
N VAL C 338 10.84 26.94 -39.13
CA VAL C 338 12.22 26.50 -38.96
C VAL C 338 12.43 25.03 -39.26
N VAL C 339 11.35 24.29 -39.55
CA VAL C 339 11.47 22.87 -39.87
C VAL C 339 10.91 22.61 -41.25
N THR C 340 9.63 22.94 -41.45
CA THR C 340 8.99 22.71 -42.75
C THR C 340 9.51 23.67 -43.81
N ARG C 341 9.88 24.88 -43.41
CA ARG C 341 10.50 25.87 -44.30
C ARG C 341 9.58 26.28 -45.44
N LYS C 342 8.27 26.30 -45.17
CA LYS C 342 7.28 26.86 -46.09
C LYS C 342 6.55 28.00 -45.40
N ASN C 343 5.60 28.59 -46.12
CA ASN C 343 4.86 29.74 -45.60
C ASN C 343 3.93 29.29 -44.49
N PRO C 344 4.06 29.84 -43.28
CA PRO C 344 3.19 29.43 -42.17
C PRO C 344 1.84 30.14 -42.13
N PHE C 345 1.61 31.11 -43.02
CA PHE C 345 0.34 31.82 -43.08
C PHE C 345 -0.65 31.17 -44.04
N SER C 346 -0.16 30.53 -45.11
CA SER C 346 -1.04 29.71 -45.93
C SER C 346 -1.64 28.57 -45.13
N PHE C 347 -0.91 28.07 -44.13
CA PHE C 347 -1.46 27.04 -43.25
C PHE C 347 -2.63 27.57 -42.44
N PHE C 348 -2.51 28.79 -41.90
CA PHE C 348 -3.65 29.43 -41.27
C PHE C 348 -4.80 29.61 -42.24
N ALA C 349 -4.49 30.03 -43.47
CA ALA C 349 -5.54 30.20 -44.48
C ALA C 349 -6.25 28.88 -44.77
N GLY C 350 -5.54 27.76 -44.70
CA GLY C 350 -6.13 26.47 -44.99
C GLY C 350 -6.93 25.85 -43.85
N ILE C 351 -6.53 26.12 -42.61
CA ILE C 351 -7.17 25.52 -41.45
C ILE C 351 -8.07 26.53 -40.71
N PHE C 352 -8.41 27.65 -41.37
CA PHE C 352 -9.24 28.65 -40.71
C PHE C 352 -10.62 28.11 -40.37
N GLN C 353 -11.20 27.29 -41.26
CA GLN C 353 -12.50 26.70 -40.97
C GLN C 353 -12.45 25.78 -39.75
N ALA C 354 -11.37 25.00 -39.61
CA ALA C 354 -11.21 24.18 -38.43
C ALA C 354 -11.08 25.02 -37.17
N TRP C 355 -10.37 26.14 -37.25
CA TRP C 355 -10.26 27.04 -36.10
C TRP C 355 -11.61 27.62 -35.71
N ILE C 356 -12.40 28.02 -36.71
CA ILE C 356 -13.74 28.55 -36.42
C ILE C 356 -14.62 27.47 -35.80
N THR C 357 -14.56 26.25 -36.33
CA THR C 357 -15.34 25.15 -35.77
C THR C 357 -14.92 24.84 -34.34
N ALA C 358 -13.62 24.89 -34.05
CA ALA C 358 -13.15 24.68 -32.68
C ALA C 358 -13.62 25.80 -31.75
N LEU C 359 -13.63 27.03 -32.23
CA LEU C 359 -14.15 28.14 -31.42
C LEU C 359 -15.63 27.95 -31.13
N GLY C 360 -16.40 27.51 -32.13
CA GLY C 360 -17.82 27.32 -31.96
C GLY C 360 -18.20 26.16 -31.08
N THR C 361 -17.76 24.95 -31.45
CA THR C 361 -18.12 23.75 -30.72
C THR C 361 -17.40 23.60 -29.39
N ALA C 362 -16.22 24.22 -29.24
CA ALA C 362 -15.42 24.15 -28.03
C ALA C 362 -15.07 22.72 -27.65
N SER C 363 -14.88 21.86 -28.65
CA SER C 363 -14.49 20.47 -28.43
C SER C 363 -13.50 20.06 -29.50
N SER C 364 -12.34 19.55 -29.08
CA SER C 364 -11.32 19.13 -30.03
C SER C 364 -11.66 17.82 -30.71
N ALA C 365 -12.47 16.97 -30.09
CA ALA C 365 -12.87 15.70 -30.69
C ALA C 365 -13.93 15.88 -31.78
N GLY C 366 -14.86 16.81 -31.59
CA GLY C 366 -15.90 17.06 -32.58
C GLY C 366 -15.44 17.87 -33.78
N THR C 367 -14.23 18.41 -33.74
CA THR C 367 -13.67 19.18 -34.84
C THR C 367 -12.92 18.28 -35.83
N LEU C 368 -12.74 17.00 -35.49
CA LEU C 368 -11.99 16.10 -36.35
C LEU C 368 -12.55 15.98 -37.77
N PRO C 369 -13.86 15.83 -38.00
CA PRO C 369 -14.36 15.81 -39.39
C PRO C 369 -14.03 17.07 -40.17
N VAL C 370 -14.06 18.23 -39.53
CA VAL C 370 -13.73 19.47 -40.24
C VAL C 370 -12.23 19.56 -40.50
N THR C 371 -11.41 19.24 -39.49
CA THR C 371 -9.97 19.36 -39.65
C THR C 371 -9.40 18.34 -40.64
N PHE C 372 -10.02 17.16 -40.76
CA PHE C 372 -9.58 16.22 -41.79
C PHE C 372 -9.81 16.79 -43.18
N ARG C 373 -11.03 17.28 -43.44
CA ARG C 373 -11.35 17.88 -44.74
C ARG C 373 -10.53 19.13 -45.01
N CYS C 374 -10.08 19.82 -43.96
CA CYS C 374 -9.18 20.94 -44.17
C CYS C 374 -7.78 20.47 -44.54
N LEU C 375 -7.18 19.63 -43.70
CA LEU C 375 -5.79 19.24 -43.88
C LEU C 375 -5.57 18.45 -45.16
N GLU C 376 -6.35 17.39 -45.38
CA GLU C 376 -6.05 16.48 -46.48
C GLU C 376 -6.70 16.89 -47.79
N GLU C 377 -7.37 18.05 -47.85
CA GLU C 377 -7.99 18.49 -49.09
C GLU C 377 -7.54 19.90 -49.48
N ASN C 378 -7.35 20.78 -48.49
CA ASN C 378 -6.93 22.14 -48.76
C ASN C 378 -5.42 22.32 -48.78
N LEU C 379 -4.67 21.46 -48.10
CA LEU C 379 -3.23 21.58 -48.02
C LEU C 379 -2.47 20.44 -48.67
N GLY C 380 -3.13 19.33 -48.98
CA GLY C 380 -2.49 18.24 -49.67
C GLY C 380 -1.74 17.26 -48.80
N ILE C 381 -2.04 17.19 -47.52
CA ILE C 381 -1.38 16.23 -46.63
C ILE C 381 -1.87 14.83 -46.96
N ASP C 382 -0.93 13.88 -47.01
CA ASP C 382 -1.27 12.51 -47.35
C ASP C 382 -2.14 11.90 -46.26
N LYS C 383 -3.06 11.02 -46.69
CA LYS C 383 -3.98 10.38 -45.75
C LYS C 383 -3.27 9.46 -44.76
N ARG C 384 -2.06 8.98 -45.09
CA ARG C 384 -1.35 8.10 -44.16
C ARG C 384 -0.81 8.84 -42.96
N VAL C 385 -0.72 10.16 -43.02
CA VAL C 385 -0.19 10.94 -41.90
C VAL C 385 -1.31 11.45 -41.00
N THR C 386 -2.33 12.06 -41.59
CA THR C 386 -3.41 12.68 -40.80
C THR C 386 -4.17 11.64 -39.99
N ARG C 387 -4.46 10.48 -40.58
CA ARG C 387 -5.26 9.47 -39.91
C ARG C 387 -4.58 8.89 -38.68
N PHE C 388 -3.30 9.15 -38.49
CA PHE C 388 -2.64 8.83 -37.23
C PHE C 388 -2.40 10.06 -36.37
N VAL C 389 -2.04 11.19 -36.97
CA VAL C 389 -1.66 12.37 -36.18
C VAL C 389 -2.88 12.98 -35.50
N LEU C 390 -3.97 13.17 -36.24
CA LEU C 390 -5.12 13.89 -35.70
C LEU C 390 -5.84 13.14 -34.58
N PRO C 391 -6.18 11.86 -34.73
CA PRO C 391 -6.89 11.17 -33.63
C PRO C 391 -6.09 11.07 -32.34
N VAL C 392 -4.77 10.98 -32.41
CA VAL C 392 -3.95 10.91 -31.21
C VAL C 392 -3.66 12.30 -30.65
N GLY C 393 -3.46 13.28 -31.54
CA GLY C 393 -3.28 14.65 -31.09
C GLY C 393 -4.52 15.26 -30.48
N ALA C 394 -5.70 14.77 -30.85
CA ALA C 394 -6.94 15.21 -30.23
C ALA C 394 -7.13 14.69 -28.82
N THR C 395 -6.28 13.77 -28.37
CA THR C 395 -6.38 13.19 -27.05
C THR C 395 -5.18 13.51 -26.16
N ILE C 396 -3.97 13.60 -26.73
CA ILE C 396 -2.78 13.82 -25.92
C ILE C 396 -2.06 15.12 -26.24
N ASN C 397 -2.38 15.78 -27.35
CA ASN C 397 -1.74 17.05 -27.69
C ASN C 397 -2.67 18.20 -27.30
N MET C 398 -2.75 18.44 -25.99
CA MET C 398 -3.53 19.54 -25.43
C MET C 398 -2.52 20.58 -24.93
N ASP C 399 -2.11 21.47 -25.83
CA ASP C 399 -1.08 22.46 -25.52
C ASP C 399 -1.65 23.77 -25.01
N GLY C 400 -2.98 23.94 -25.00
CA GLY C 400 -3.59 25.10 -24.41
C GLY C 400 -3.91 24.83 -22.95
N THR C 401 -4.32 23.60 -22.66
CA THR C 401 -4.60 23.20 -21.29
C THR C 401 -3.34 23.22 -20.43
N ALA C 402 -2.19 22.86 -21.01
CA ALA C 402 -0.95 22.92 -20.26
C ALA C 402 -0.60 24.35 -19.85
N LEU C 403 -0.73 25.30 -20.77
CA LEU C 403 -0.49 26.70 -20.44
C LEU C 403 -1.50 27.19 -19.41
N TYR C 404 -2.77 26.83 -19.59
CA TYR C 404 -3.80 27.17 -18.62
C TYR C 404 -3.44 26.69 -17.22
N GLU C 405 -3.07 25.43 -17.09
CA GLU C 405 -2.80 24.83 -15.79
C GLU C 405 -1.50 25.32 -15.19
N ALA C 406 -0.52 25.69 -16.02
CA ALA C 406 0.71 26.30 -15.49
C ALA C 406 0.46 27.71 -14.98
N VAL C 407 -0.39 28.48 -15.67
CA VAL C 407 -0.69 29.83 -15.19
C VAL C 407 -1.54 29.77 -13.92
N ALA C 408 -2.54 28.88 -13.90
CA ALA C 408 -3.53 28.87 -12.83
C ALA C 408 -2.97 28.41 -11.49
N ALA C 409 -2.02 27.49 -11.46
CA ALA C 409 -1.44 27.04 -10.20
C ALA C 409 -0.62 28.13 -9.54
N ILE C 410 0.24 28.79 -10.31
CA ILE C 410 1.02 29.89 -9.77
C ILE C 410 0.14 31.09 -9.44
N PHE C 411 -0.98 31.27 -10.16
CA PHE C 411 -1.93 32.31 -9.77
C PHE C 411 -2.51 32.04 -8.40
N ILE C 412 -2.90 30.79 -8.13
CA ILE C 412 -3.42 30.43 -6.80
C ILE C 412 -2.34 30.60 -5.75
N ALA C 413 -1.10 30.22 -6.06
CA ALA C 413 -0.01 30.43 -5.11
C ALA C 413 0.19 31.91 -4.81
N GLN C 414 0.12 32.76 -5.82
CA GLN C 414 0.28 34.20 -5.63
C GLN C 414 -0.87 34.80 -4.83
N MET C 415 -2.09 34.29 -5.00
CA MET C 415 -3.21 34.80 -4.21
C MET C 415 -3.03 34.51 -2.73
N ASN C 416 -2.45 33.35 -2.39
CA ASN C 416 -2.27 32.96 -1.01
C ASN C 416 -1.00 33.53 -0.38
N GLY C 417 -0.23 34.32 -1.12
CA GLY C 417 1.00 34.88 -0.63
C GLY C 417 2.19 33.95 -0.67
N VAL C 418 2.03 32.73 -1.18
CA VAL C 418 3.12 31.78 -1.27
C VAL C 418 4.02 32.16 -2.43
N VAL C 419 5.32 32.27 -2.15
CA VAL C 419 6.32 32.55 -3.18
C VAL C 419 7.04 31.25 -3.48
N LEU C 420 6.71 30.62 -4.61
CA LEU C 420 7.34 29.37 -4.97
C LEU C 420 8.80 29.57 -5.32
N ASP C 421 9.65 28.69 -4.83
CA ASP C 421 11.07 28.72 -5.16
C ASP C 421 11.30 28.01 -6.49
N GLY C 422 12.57 27.82 -6.86
CA GLY C 422 12.89 27.20 -8.13
C GLY C 422 12.63 25.71 -8.18
N GLY C 423 12.41 25.07 -7.03
CA GLY C 423 12.14 23.64 -7.01
C GLY C 423 10.69 23.30 -7.26
N GLN C 424 9.80 24.28 -7.04
CA GLN C 424 8.38 24.08 -7.31
C GLN C 424 7.93 24.68 -8.64
N ILE C 425 8.70 25.61 -9.21
CA ILE C 425 8.41 26.05 -10.57
C ILE C 425 8.59 24.90 -11.56
N VAL C 426 9.65 24.13 -11.39
CA VAL C 426 9.85 22.94 -12.22
C VAL C 426 8.75 21.91 -11.98
N THR C 427 8.32 21.76 -10.72
CA THR C 427 7.23 20.84 -10.43
C THR C 427 5.94 21.27 -11.12
N VAL C 428 5.65 22.57 -11.12
CA VAL C 428 4.48 23.08 -11.83
C VAL C 428 4.61 22.80 -13.32
N SER C 429 5.77 23.10 -13.89
CA SER C 429 5.97 22.91 -15.33
C SER C 429 5.86 21.45 -15.74
N LEU C 430 6.24 20.52 -14.87
CA LEU C 430 6.15 19.10 -15.18
C LEU C 430 4.74 18.55 -14.95
N THR C 431 4.13 18.88 -13.81
CA THR C 431 2.79 18.41 -13.53
C THR C 431 1.75 18.98 -14.47
N ALA C 432 1.94 20.21 -14.96
CA ALA C 432 1.02 20.73 -15.97
C ALA C 432 1.11 19.92 -17.25
N THR C 433 2.33 19.55 -17.66
CA THR C 433 2.49 18.72 -18.85
C THR C 433 1.85 17.36 -18.68
N LEU C 434 2.04 16.74 -17.51
CA LEU C 434 1.43 15.43 -17.28
C LEU C 434 -0.09 15.52 -17.20
N ALA C 435 -0.62 16.57 -16.58
CA ALA C 435 -2.06 16.73 -16.43
C ALA C 435 -2.75 17.15 -17.72
N SER C 436 -2.02 17.78 -18.63
CA SER C 436 -2.57 18.18 -19.91
C SER C 436 -2.98 16.94 -20.71
N VAL C 437 -2.15 15.90 -20.67
CA VAL C 437 -2.43 14.66 -21.39
C VAL C 437 -3.62 13.95 -20.77
N GLY C 438 -3.72 13.96 -19.44
CA GLY C 438 -4.77 13.25 -18.74
C GLY C 438 -6.09 13.98 -18.67
N ALA C 439 -6.09 15.27 -19.01
CA ALA C 439 -7.32 16.04 -19.02
C ALA C 439 -8.30 15.60 -20.09
N ALA C 440 -7.81 15.19 -21.27
CA ALA C 440 -8.67 14.73 -22.34
C ALA C 440 -8.81 13.21 -22.37
N SER C 441 -7.83 12.48 -21.85
CA SER C 441 -7.91 11.02 -21.83
C SER C 441 -8.92 10.51 -20.80
N ILE C 442 -9.04 11.20 -19.66
CA ILE C 442 -9.94 10.81 -18.59
C ILE C 442 -11.19 11.67 -18.68
N PRO C 443 -12.37 11.10 -18.93
CA PRO C 443 -13.58 11.91 -18.99
C PRO C 443 -13.91 12.53 -17.64
N SER C 444 -14.52 13.71 -17.69
CA SER C 444 -14.92 14.46 -16.50
C SER C 444 -13.73 14.71 -15.57
N ALA C 445 -12.58 15.00 -16.15
CA ALA C 445 -11.36 15.30 -15.40
C ALA C 445 -10.85 16.66 -15.82
N GLY C 446 -11.39 17.71 -15.20
CA GLY C 446 -10.92 19.05 -15.40
C GLY C 446 -10.76 19.76 -14.07
N LEU C 447 -11.28 19.13 -13.01
CA LEU C 447 -11.16 19.64 -11.66
C LEU C 447 -10.23 18.80 -10.80
N VAL C 448 -9.98 17.54 -11.18
CA VAL C 448 -9.02 16.71 -10.47
C VAL C 448 -7.60 16.96 -10.97
N THR C 449 -7.43 17.36 -12.23
CA THR C 449 -6.10 17.65 -12.75
C THR C 449 -5.49 18.88 -12.10
N MET C 450 -6.32 19.88 -11.77
CA MET C 450 -5.81 21.04 -11.04
C MET C 450 -5.48 20.69 -9.60
N LEU C 451 -6.29 19.85 -8.98
CA LEU C 451 -5.96 19.36 -7.64
C LEU C 451 -4.66 18.60 -7.63
N LEU C 452 -4.37 17.85 -8.69
CA LEU C 452 -3.09 17.16 -8.78
C LEU C 452 -1.92 18.12 -8.71
N ILE C 453 -1.97 19.21 -9.47
CA ILE C 453 -0.88 20.20 -9.45
C ILE C 453 -0.82 20.89 -8.09
N LEU C 454 -1.97 21.27 -7.54
CA LEU C 454 -1.99 21.98 -6.27
C LEU C 454 -1.40 21.12 -5.16
N THR C 455 -1.74 19.83 -5.12
CA THR C 455 -1.15 18.94 -4.13
C THR C 455 0.30 18.59 -4.44
N ALA C 456 0.69 18.64 -5.72
CA ALA C 456 2.09 18.43 -6.07
C ALA C 456 2.97 19.54 -5.51
N VAL C 457 2.51 20.78 -5.58
CA VAL C 457 3.28 21.89 -5.02
C VAL C 457 2.80 22.29 -3.64
N GLY C 458 1.79 21.61 -3.09
CA GLY C 458 1.36 21.88 -1.73
C GLY C 458 0.69 23.22 -1.55
N LEU C 459 -0.42 23.44 -2.24
CA LEU C 459 -1.15 24.70 -2.14
C LEU C 459 -2.56 24.46 -1.62
N PRO C 460 -3.14 25.44 -0.92
CA PRO C 460 -4.54 25.30 -0.50
C PRO C 460 -5.46 25.18 -1.71
N THR C 461 -6.47 24.32 -1.58
CA THR C 461 -7.36 23.98 -2.70
C THR C 461 -8.76 24.57 -2.55
N GLU C 462 -8.89 25.67 -1.82
CA GLU C 462 -10.18 26.36 -1.73
C GLU C 462 -10.29 27.53 -2.70
N ASP C 463 -9.17 28.01 -3.26
CA ASP C 463 -9.20 29.04 -4.28
C ASP C 463 -9.49 28.49 -5.67
N ILE C 464 -9.57 27.16 -5.81
CA ILE C 464 -9.91 26.56 -7.08
C ILE C 464 -11.35 26.84 -7.47
N SER C 465 -12.19 27.25 -6.52
CA SER C 465 -13.58 27.57 -6.83
C SER C 465 -13.68 28.76 -7.77
N LEU C 466 -12.84 29.78 -7.57
CA LEU C 466 -12.84 30.94 -8.44
C LEU C 466 -12.41 30.60 -9.86
N LEU C 467 -11.56 29.59 -10.02
CA LEU C 467 -11.15 29.17 -11.37
C LEU C 467 -12.33 28.63 -12.17
N VAL C 468 -13.19 27.84 -11.51
CA VAL C 468 -14.35 27.27 -12.20
C VAL C 468 -15.33 28.34 -12.66
N ALA C 469 -15.36 29.49 -11.99
CA ALA C 469 -16.31 30.54 -12.35
C ALA C 469 -15.97 31.22 -13.66
N VAL C 470 -14.76 31.03 -14.19
CA VAL C 470 -14.31 31.71 -15.39
C VAL C 470 -13.81 30.75 -16.47
N ASP C 471 -13.99 29.45 -16.24
CA ASP C 471 -13.55 28.45 -17.20
C ASP C 471 -14.34 28.47 -18.51
N TRP C 472 -15.61 28.87 -18.43
CA TRP C 472 -16.47 28.93 -19.60
C TRP C 472 -16.11 30.09 -20.52
N LEU C 473 -15.28 31.02 -20.06
CA LEU C 473 -14.78 32.09 -20.90
C LEU C 473 -13.46 31.75 -21.58
N LEU C 474 -12.78 30.70 -21.13
CA LEU C 474 -11.44 30.38 -21.61
C LEU C 474 -11.35 29.08 -22.38
N ASP C 475 -12.20 28.09 -22.08
CA ASP C 475 -12.10 26.80 -22.74
C ASP C 475 -12.39 26.89 -24.24
N ARG C 476 -13.30 27.78 -24.66
CA ARG C 476 -13.67 27.90 -26.06
C ARG C 476 -12.51 28.31 -26.95
N MET C 477 -11.47 28.92 -26.39
CA MET C 477 -10.28 29.26 -27.16
C MET C 477 -9.03 28.53 -26.69
N ARG C 478 -9.10 27.80 -25.57
CA ARG C 478 -8.10 26.76 -25.33
C ARG C 478 -8.26 25.65 -26.36
N THR C 479 -9.50 25.29 -26.69
CA THR C 479 -9.75 24.26 -27.70
C THR C 479 -9.22 24.69 -29.06
N SER C 480 -9.33 25.98 -29.39
CA SER C 480 -8.81 26.48 -30.65
C SER C 480 -7.30 26.29 -30.73
N VAL C 481 -6.60 26.61 -29.64
CA VAL C 481 -5.15 26.45 -29.63
C VAL C 481 -4.78 24.97 -29.73
N ASN C 482 -5.54 24.10 -29.07
CA ASN C 482 -5.29 22.67 -29.18
C ASN C 482 -5.44 22.19 -30.61
N VAL C 483 -6.50 22.63 -31.30
CA VAL C 483 -6.73 22.20 -32.67
C VAL C 483 -5.64 22.73 -33.60
N VAL C 484 -5.22 23.99 -33.40
CA VAL C 484 -4.16 24.56 -34.22
C VAL C 484 -2.85 23.81 -34.00
N GLY C 485 -2.54 23.45 -32.75
CA GLY C 485 -1.37 22.64 -32.47
C GLY C 485 -1.41 21.27 -33.12
N ASP C 486 -2.58 20.63 -33.13
CA ASP C 486 -2.71 19.36 -33.84
C ASP C 486 -2.49 19.54 -35.34
N SER C 487 -3.05 20.59 -35.93
CA SER C 487 -2.93 20.81 -37.37
C SER C 487 -1.48 21.08 -37.76
N PHE C 488 -0.76 21.89 -36.98
CA PHE C 488 0.64 22.15 -37.30
C PHE C 488 1.48 20.89 -37.16
N GLY C 489 1.19 20.06 -36.16
CA GLY C 489 1.89 18.79 -36.04
C GLY C 489 1.66 17.90 -37.25
N ALA C 490 0.41 17.82 -37.71
CA ALA C 490 0.12 17.07 -38.92
C ALA C 490 0.82 17.65 -40.15
N GLY C 491 0.98 18.96 -40.22
CA GLY C 491 1.68 19.57 -41.33
C GLY C 491 3.19 19.40 -41.28
N ILE C 492 3.73 19.22 -40.08
CA ILE C 492 5.16 19.02 -39.89
C ILE C 492 5.56 17.57 -40.13
N VAL C 493 4.78 16.62 -39.61
CA VAL C 493 5.10 15.21 -39.80
C VAL C 493 5.07 14.83 -41.28
N TYR C 494 4.26 15.51 -42.09
CA TYR C 494 4.27 15.31 -43.54
C TYR C 494 5.52 15.89 -44.20
N HIS C 495 6.24 16.77 -43.52
CA HIS C 495 7.52 17.25 -44.04
C HIS C 495 8.71 16.50 -43.48
N LEU C 496 8.56 15.80 -42.36
CA LEU C 496 9.61 14.92 -41.87
C LEU C 496 9.46 13.48 -42.35
N SER C 497 8.42 13.19 -43.13
CA SER C 497 8.20 11.84 -43.63
C SER C 497 7.74 11.81 -45.08
N LYS C 498 8.05 12.83 -45.87
CA LYS C 498 7.65 12.84 -47.27
C LYS C 498 8.43 11.80 -48.08
N SER C 499 9.75 11.77 -47.89
CA SER C 499 10.59 10.84 -48.64
C SER C 499 10.29 9.39 -48.26
N GLU C 500 10.04 9.12 -46.97
CA GLU C 500 9.72 7.75 -46.57
C GLU C 500 8.44 7.26 -47.23
N LEU C 501 7.40 8.09 -47.26
CA LEU C 501 6.16 7.73 -47.94
C LEU C 501 6.37 7.57 -49.44
N ASP C 502 7.17 8.45 -50.04
CA ASP C 502 7.45 8.34 -51.47
C ASP C 502 8.14 7.03 -51.80
N THR C 503 9.12 6.62 -50.98
CA THR C 503 9.81 5.37 -51.21
C THR C 503 8.92 4.16 -50.92
N ILE C 504 8.09 4.22 -49.89
CA ILE C 504 7.20 3.10 -49.58
C ILE C 504 6.08 2.96 -50.60
N ASP C 505 5.75 4.03 -51.32
CA ASP C 505 4.76 3.90 -52.39
C ASP C 505 5.30 3.09 -53.56
N SER C 506 6.59 3.23 -53.85
CA SER C 506 7.21 2.49 -54.95
C SER C 506 8.35 1.61 -54.45
C1 CLR D . 14.27 -21.13 -4.48
C2 CLR D . 13.74 -22.46 -5.00
C3 CLR D . 14.03 -23.49 -3.94
C4 CLR D . 13.13 -23.19 -2.74
C5 CLR D . 13.35 -21.77 -2.26
C6 CLR D . 13.38 -21.54 -0.95
C7 CLR D . 13.21 -20.13 -0.43
C8 CLR D . 13.28 -19.04 -1.49
C9 CLR D . 14.15 -19.43 -2.67
C10 CLR D . 13.48 -20.67 -3.27
C11 CLR D . 14.37 -18.29 -3.66
C12 CLR D . 14.90 -17.03 -2.99
C13 CLR D . 13.98 -16.66 -1.85
C14 CLR D . 13.83 -17.78 -0.87
C15 CLR D . 13.01 -17.18 0.26
C16 CLR D . 13.42 -15.73 0.26
C17 CLR D . 14.40 -15.57 -0.89
C18 CLR D . 12.65 -16.35 -2.43
C19 CLR D . 12.06 -20.36 -3.70
C20 CLR D . 14.43 -14.17 -1.43
C21 CLR D . 15.13 -14.19 -2.77
C22 CLR D . 15.18 -13.31 -0.45
C23 CLR D . 14.50 -11.98 -0.17
C24 CLR D . 15.03 -10.92 -1.14
C25 CLR D . 15.83 -9.85 -0.46
C26 CLR D . 17.20 -10.37 -0.10
C27 CLR D . 15.99 -8.60 -1.31
O1 CLR D . 13.79 -24.80 -4.47
C1 CLR E . -22.88 -11.95 2.29
C2 CLR E . -23.55 -12.60 1.08
C3 CLR E . -24.62 -11.66 0.51
C4 CLR E . -23.96 -10.39 0.01
C5 CLR E . -23.11 -9.77 1.10
C6 CLR E . -23.22 -8.45 1.32
C7 CLR E . -22.52 -7.73 2.45
C8 CLR E . -21.29 -8.52 2.90
C9 CLR E . -21.67 -9.97 3.17
C10 CLR E . -22.16 -10.66 1.90
C11 CLR E . -20.55 -10.78 3.82
C12 CLR E . -19.88 -10.08 5.00
C13 CLR E . -19.44 -8.69 4.57
C14 CLR E . -20.69 -7.93 4.17
C15 CLR E . -20.27 -6.47 4.14
C16 CLR E . -19.16 -6.38 5.20
C17 CLR E . -18.83 -7.81 5.64
C18 CLR E . -18.50 -8.82 3.37
C19 CLR E . -20.97 -10.98 1.01
C20 CLR E . -17.34 -8.01 5.86
C21 CLR E . -17.04 -9.48 6.17
C22 CLR E . -16.81 -7.10 6.95
C23 CLR E . -15.36 -7.43 7.29
C24 CLR E . -15.27 -8.17 8.62
C25 CLR E . -14.37 -7.42 9.60
C26 CLR E . -14.69 -7.80 11.03
C27 CLR E . -12.90 -7.65 9.29
O1 CLR E . -25.28 -12.32 -0.58
C1 CLR F . -2.34 7.52 -24.96
C2 CLR F . -2.29 6.54 -26.12
C3 CLR F . -0.92 6.57 -26.77
C4 CLR F . 0.12 6.12 -25.76
C5 CLR F . 0.02 6.93 -24.50
C6 CLR F . 1.15 7.42 -23.96
C7 CLR F . 1.18 8.34 -22.75
C8 CLR F . -0.10 8.18 -21.93
C9 CLR F . -1.32 8.28 -22.83
C10 CLR F . -1.35 7.16 -23.86
C11 CLR F . -2.64 8.33 -22.06
C12 CLR F . -2.64 9.31 -20.88
C13 CLR F . -1.44 9.01 -20.00
C14 CLR F . -0.21 9.23 -20.84
C15 CLR F . 0.95 9.34 -19.84
C16 CLR F . 0.30 9.93 -18.59
C17 CLR F . -1.22 9.95 -18.82
C18 CLR F . -1.51 7.56 -19.53
C19 CLR F . -1.78 5.86 -23.20
C20 CLR F . -2.00 9.58 -17.57
C21 CLR F . -3.49 9.51 -17.87
C22 CLR F . -1.72 10.55 -16.44
C23 CLR F . -2.64 10.29 -15.25
C24 CLR F . -2.55 11.43 -14.23
C25 CLR F . -3.93 12.01 -13.94
C26 CLR F . -4.32 11.76 -12.48
C27 CLR F . -3.98 13.49 -14.26
O1 CLR F . -0.91 5.69 -27.90
#